data_6FJY
#
_entry.id   6FJY
#
_cell.length_a   53.836
_cell.length_b   63.854
_cell.length_c   89.245
_cell.angle_alpha   74.650
_cell.angle_beta   79.650
_cell.angle_gamma   69.070
#
_symmetry.space_group_name_H-M   'P 1'
#
loop_
_entity.id
_entity.type
_entity.pdbx_description
1 polymer CsuC
2 polymer 'Protein CsuE'
3 polymer 'Protein CsuE'
4 water water
#
loop_
_entity_poly.entity_id
_entity_poly.type
_entity_poly.pdbx_seq_one_letter_code
_entity_poly.pdbx_strand_id
1 'polypeptide(L)'
;ATFLIWPIYPKIEANEKATAVWLQNTGKTDAMVQIRVFKWNQDGLKDNYSEQSEIIPSPPVAKIKAGEKHMLRLTKSVNL
PDGKEQSYRLIVDELPIRLSDGNEQDASKVSFQMRYSIPLFAYGKGIGSGLTEESQKLNAKNALAKPVLQWSVRNNQQGQ
SELYLKNNGQKFARLSALKTSKTGNDISLGKAAFGYVLSNSTVKFAIDQSTAHELAKTSKIYGVDSSGIKQELIEITKME
DPSGHHHHHH
;
A,C
2 'polypeptide(L)'
;ACSVSASGTSSISVPSIYLMENGENSSQFNSGLSCTGFSLALANMTYL(MLY)YRVEQMSNSFTNAQTGE(MLY)LNAII
LDSNNEIISLGQEKDMSSFTLVNLFSGPDGNLPFYIRLPAGQSVSPGVYQADSPLKVKWFYSVPAVAIVGIGVFFESPGF
RRGALGIGFNWGSGADSLGSLSITVLPDCRILAQDVNFGTAAFASKLEPVQSSMGIRCSVNTPYYVSLNNGLSPQNGNQR
AMKSQTGNTFLKYDIFKNSSNDRWGSGNERWSSLNATINPGVHNGVTQQNYVFTTKIVDENADTIPAGTYQDTVTVQVEF
;
B
3 'polypeptide(L)'
;ACSVSASGTSSISVPSIYLMENGENSSQFNSGLSCTGFSLALANMTYLKYRVEQMSNSFTNAQTGEKLNAIILDSNNEII
SLGQEKDMSSFTLVNLFSGPDGNLPFYIRLPAGQSVSPGVYQADSPLKVKWFYSVPAVAIVGIGVFFESPGFRRGALGIG
FNWGSGADSLGSLSITVLPDCRILAQDVNFGTAAFASKLEPVQSSMGIRCSVNTPYYVSLNNGLSPQNGNQRAMKSQTGN
TFLKYDIFKNSSNDRWGSGNERWSSLNATINPGVHNGVTQQNYVFTTKIVDENADTIPAGTYQDTVTVQVEF
;
D
#
# COMPACT_ATOMS: atom_id res chain seq x y z
N ALA A 1 14.75 3.31 8.16
CA ALA A 1 13.52 3.35 7.37
C ALA A 1 13.68 2.60 6.04
N THR A 2 12.77 1.65 5.78
CA THR A 2 12.81 0.85 4.57
C THR A 2 11.95 1.53 3.52
N PHE A 3 12.59 2.06 2.48
CA PHE A 3 11.94 2.79 1.42
C PHE A 3 11.82 1.92 0.16
N LEU A 4 10.65 1.98 -0.45
CA LEU A 4 10.35 1.30 -1.70
C LEU A 4 9.87 2.34 -2.72
N ILE A 5 10.58 2.44 -3.84
CA ILE A 5 10.25 3.40 -4.88
C ILE A 5 10.28 2.68 -6.23
N TRP A 6 9.16 2.75 -6.95
CA TRP A 6 8.98 2.10 -8.25
C TRP A 6 7.94 2.88 -9.04
N PRO A 7 8.02 2.86 -10.38
CA PRO A 7 9.11 2.20 -11.10
C PRO A 7 10.41 3.01 -11.18
N ILE A 8 11.54 2.29 -11.28
CA ILE A 8 12.85 2.94 -11.42
C ILE A 8 13.23 3.20 -12.88
N TYR A 9 12.41 2.77 -13.85
CA TYR A 9 12.57 3.13 -15.25
C TYR A 9 11.26 3.72 -15.78
N PRO A 10 10.83 4.86 -15.24
CA PRO A 10 9.57 5.45 -15.68
C PRO A 10 9.71 6.18 -17.02
N LYS A 11 8.55 6.37 -17.66
CA LYS A 11 8.46 7.08 -18.92
C LYS A 11 7.05 7.62 -19.09
N ILE A 12 6.96 8.67 -19.91
CA ILE A 12 5.71 9.36 -20.24
C ILE A 12 5.54 9.25 -21.75
N GLU A 13 4.54 8.50 -22.19
CA GLU A 13 4.34 8.30 -23.62
C GLU A 13 3.78 9.56 -24.27
N ALA A 14 3.77 9.56 -25.61
CA ALA A 14 3.36 10.75 -26.36
C ALA A 14 1.92 11.13 -26.07
N ASN A 15 1.04 10.14 -25.89
CA ASN A 15 -0.38 10.42 -25.64
C ASN A 15 -0.72 10.50 -24.15
N GLU A 16 0.29 10.48 -23.28
CA GLU A 16 0.10 10.61 -21.83
C GLU A 16 0.58 11.97 -21.37
N LYS A 17 -0.23 12.64 -20.56
CA LYS A 17 0.17 13.92 -19.98
C LYS A 17 1.01 13.74 -18.71
N ALA A 18 0.99 12.56 -18.10
CA ALA A 18 1.76 12.34 -16.88
C ALA A 18 1.89 10.85 -16.62
N THR A 19 2.83 10.51 -15.75
CA THR A 19 2.97 9.17 -15.21
C THR A 19 3.17 9.26 -13.70
N ALA A 20 3.13 8.10 -13.06
CA ALA A 20 3.17 8.02 -11.60
C ALA A 20 4.33 7.14 -11.15
N VAL A 21 4.93 7.54 -10.03
CA VAL A 21 5.92 6.73 -9.32
C VAL A 21 5.43 6.60 -7.89
N TRP A 22 5.50 5.38 -7.35
CA TRP A 22 5.00 5.11 -6.02
C TRP A 22 6.11 5.20 -4.99
N LEU A 23 5.79 5.81 -3.86
CA LEU A 23 6.68 5.93 -2.71
C LEU A 23 5.99 5.23 -1.55
N GLN A 24 6.59 4.16 -1.05
CA GLN A 24 5.99 3.34 -0.01
C GLN A 24 7.00 3.05 1.09
N ASN A 25 6.60 3.37 2.33
CA ASN A 25 7.38 3.10 3.53
C ASN A 25 6.83 1.85 4.18
N THR A 26 7.60 0.76 4.14
CA THR A 26 7.23 -0.48 4.81
C THR A 26 7.90 -0.66 6.17
N GLY A 27 8.72 0.29 6.60
CA GLY A 27 9.38 0.23 7.88
C GLY A 27 8.48 0.68 9.01
N LYS A 28 9.10 0.89 10.17
CA LYS A 28 8.38 1.36 11.34
C LYS A 28 8.68 2.82 11.68
N THR A 29 9.60 3.46 10.96
CA THR A 29 9.97 4.85 11.20
C THR A 29 9.56 5.71 10.02
N ASP A 30 9.18 6.96 10.30
CA ASP A 30 8.84 7.91 9.27
C ASP A 30 10.09 8.37 8.50
N ALA A 31 9.85 8.87 7.29
CA ALA A 31 10.91 9.38 6.43
C ALA A 31 10.43 10.62 5.69
N MET A 32 11.36 11.52 5.39
CA MET A 32 11.10 12.70 4.58
C MET A 32 11.73 12.50 3.22
N VAL A 33 11.01 12.90 2.18
CA VAL A 33 11.44 12.72 0.80
C VAL A 33 11.34 14.03 0.05
N GLN A 34 12.41 14.40 -0.63
CA GLN A 34 12.44 15.51 -1.57
C GLN A 34 12.55 14.93 -2.97
N ILE A 35 11.82 15.54 -3.91
CA ILE A 35 11.75 15.07 -5.28
C ILE A 35 12.11 16.24 -6.20
N ARG A 36 13.08 16.03 -7.09
CA ARG A 36 13.41 16.99 -8.13
C ARG A 36 13.57 16.27 -9.46
N VAL A 37 13.34 16.99 -10.56
CA VAL A 37 13.51 16.40 -11.89
C VAL A 37 14.43 17.32 -12.68
N PHE A 38 15.52 16.76 -13.20
CA PHE A 38 16.52 17.49 -13.94
C PHE A 38 16.51 17.04 -15.40
N LYS A 39 16.80 17.98 -16.29
CA LYS A 39 17.00 17.64 -17.68
C LYS A 39 18.39 17.06 -17.84
N TRP A 40 18.49 16.03 -18.68
CA TRP A 40 19.68 15.20 -18.83
C TRP A 40 20.15 15.26 -20.27
N ASN A 41 21.39 15.71 -20.46
CA ASN A 41 21.97 15.78 -21.81
C ASN A 41 23.39 15.27 -21.72
N GLN A 42 23.95 14.93 -22.88
CA GLN A 42 25.35 14.54 -22.91
C GLN A 42 26.14 15.48 -23.82
N ASP A 43 26.03 16.78 -23.53
CA ASP A 43 26.78 17.80 -24.24
C ASP A 43 28.15 17.94 -23.59
N GLY A 44 29.16 18.18 -24.41
CA GLY A 44 30.53 18.15 -23.92
C GLY A 44 31.05 16.75 -23.67
N LEU A 45 30.42 15.76 -24.30
CA LEU A 45 30.82 14.35 -24.22
C LEU A 45 30.73 13.81 -22.80
N LYS A 46 29.85 14.38 -21.98
CA LYS A 46 29.67 13.93 -20.62
C LYS A 46 28.26 14.26 -20.16
N ASP A 47 27.84 13.58 -19.10
CA ASP A 47 26.50 13.74 -18.55
C ASP A 47 26.40 15.06 -17.81
N ASN A 48 25.44 15.89 -18.23
CA ASN A 48 25.13 17.15 -17.59
C ASN A 48 23.66 17.14 -17.17
N TYR A 49 23.37 17.82 -16.07
CA TYR A 49 22.02 17.87 -15.53
C TYR A 49 21.67 19.32 -15.22
N SER A 50 20.42 19.69 -15.46
CA SER A 50 20.00 21.08 -15.30
C SER A 50 18.57 21.17 -14.80
N GLU A 51 18.28 22.28 -14.10
CA GLU A 51 16.93 22.57 -13.65
C GLU A 51 16.02 22.74 -14.84
N GLN A 52 14.74 22.47 -14.63
CA GLN A 52 13.80 22.36 -15.73
C GLN A 52 12.37 22.47 -15.20
N SER A 53 11.48 23.04 -16.02
CA SER A 53 10.06 23.15 -15.71
C SER A 53 9.16 22.36 -16.66
N GLU A 54 9.75 21.53 -17.52
CA GLU A 54 8.95 20.80 -18.51
C GLU A 54 8.22 19.64 -17.86
N ILE A 55 8.88 18.98 -16.91
CA ILE A 55 8.30 17.90 -16.12
C ILE A 55 8.27 18.37 -14.67
N ILE A 56 7.07 18.50 -14.13
CA ILE A 56 6.89 19.05 -12.79
C ILE A 56 6.50 17.91 -11.86
N PRO A 57 7.31 17.60 -10.85
CA PRO A 57 6.91 16.55 -9.89
C PRO A 57 5.95 17.09 -8.87
N SER A 58 4.96 16.27 -8.53
CA SER A 58 3.97 16.62 -7.52
C SER A 58 3.84 15.44 -6.57
N PRO A 59 4.14 15.61 -5.27
CA PRO A 59 4.63 16.83 -4.66
C PRO A 59 6.15 16.97 -4.80
N PRO A 60 6.69 18.17 -4.61
CA PRO A 60 8.16 18.30 -4.57
C PRO A 60 8.77 17.82 -3.26
N VAL A 61 8.00 17.74 -2.17
CA VAL A 61 8.45 17.19 -0.90
C VAL A 61 7.30 16.44 -0.25
N ALA A 62 7.60 15.31 0.37
CA ALA A 62 6.57 14.55 1.08
C ALA A 62 7.15 13.88 2.31
N LYS A 63 6.30 13.75 3.33
CA LYS A 63 6.59 12.96 4.51
C LYS A 63 5.92 11.60 4.31
N ILE A 64 6.72 10.55 4.27
CA ILE A 64 6.22 9.19 4.07
C ILE A 64 6.32 8.49 5.42
N LYS A 65 5.21 8.44 6.14
CA LYS A 65 5.19 7.83 7.45
C LYS A 65 5.11 6.32 7.28
N ALA A 66 5.33 5.61 8.39
CA ALA A 66 5.31 4.15 8.38
C ALA A 66 3.97 3.65 7.85
N GLY A 67 4.03 2.77 6.86
CA GLY A 67 2.82 2.21 6.28
C GLY A 67 2.16 3.06 5.23
N GLU A 68 2.71 4.23 4.91
CA GLU A 68 2.08 5.09 3.92
C GLU A 68 2.53 4.74 2.52
N LYS A 69 1.68 5.06 1.56
CA LYS A 69 1.94 4.91 0.14
C LYS A 69 1.51 6.20 -0.54
N HIS A 70 2.47 6.92 -1.08
CA HIS A 70 2.19 8.17 -1.77
C HIS A 70 2.44 8.00 -3.27
N MET A 71 1.68 8.73 -4.07
CA MET A 71 1.96 8.79 -5.50
C MET A 71 2.80 10.02 -5.79
N LEU A 72 3.82 9.84 -6.61
CA LEU A 72 4.62 10.92 -7.16
C LEU A 72 4.17 11.11 -8.60
N ARG A 73 3.48 12.20 -8.85
CA ARG A 73 2.95 12.54 -10.17
C ARG A 73 4.03 13.30 -10.94
N LEU A 74 4.35 12.82 -12.13
CA LEU A 74 5.27 13.50 -13.04
C LEU A 74 4.48 13.97 -14.25
N THR A 75 4.26 15.28 -14.34
CA THR A 75 3.35 15.87 -15.31
C THR A 75 4.11 16.78 -16.27
N LYS A 76 3.83 16.62 -17.57
CA LYS A 76 4.41 17.51 -18.60
C LYS A 76 3.74 18.87 -18.55
N SER A 77 4.54 19.92 -18.41
CA SER A 77 4.00 21.28 -18.41
C SER A 77 3.68 21.76 -19.82
N VAL A 78 4.43 21.27 -20.81
CA VAL A 78 4.29 21.64 -22.20
C VAL A 78 4.44 20.37 -23.03
N ASN A 79 4.06 20.47 -24.31
CA ASN A 79 4.23 19.34 -25.22
C ASN A 79 5.60 19.36 -25.86
N LEU A 80 6.13 18.18 -26.09
CA LEU A 80 7.47 17.96 -26.59
C LEU A 80 7.50 17.96 -28.11
N PRO A 81 8.65 18.24 -28.72
CA PRO A 81 8.74 18.19 -30.18
C PRO A 81 8.40 16.81 -30.72
N ASP A 82 7.81 16.80 -31.89
CA ASP A 82 7.41 15.55 -32.53
C ASP A 82 8.65 14.71 -32.81
N GLY A 83 8.51 13.40 -32.61
CA GLY A 83 9.57 12.45 -32.91
C GLY A 83 10.80 12.51 -32.03
N LYS A 84 10.69 13.02 -30.81
CA LYS A 84 11.85 13.23 -29.96
C LYS A 84 11.68 12.55 -28.59
N GLU A 85 12.76 11.91 -28.15
CA GLU A 85 12.86 11.33 -26.82
C GLU A 85 13.65 12.28 -25.92
N GLN A 86 12.96 12.90 -24.97
CA GLN A 86 13.59 13.80 -24.00
C GLN A 86 14.01 13.02 -22.76
N SER A 87 15.23 13.27 -22.30
CA SER A 87 15.83 12.55 -21.21
C SER A 87 15.85 13.42 -19.96
N TYR A 88 15.61 12.81 -18.81
CA TYR A 88 15.59 13.52 -17.54
C TYR A 88 16.14 12.58 -16.48
N ARG A 89 16.49 13.14 -15.32
CA ARG A 89 16.85 12.34 -14.15
C ARG A 89 15.89 12.71 -13.05
N LEU A 90 15.20 11.70 -12.51
CA LEU A 90 14.40 11.86 -11.30
C LEU A 90 15.32 11.66 -10.10
N ILE A 91 15.35 12.64 -9.20
CA ILE A 91 16.20 12.59 -8.01
C ILE A 91 15.31 12.67 -6.77
N VAL A 92 15.28 11.59 -5.99
CA VAL A 92 14.53 11.61 -4.74
C VAL A 92 15.49 11.28 -3.58
N ASP A 93 15.49 12.18 -2.60
CA ASP A 93 16.36 12.12 -1.43
C ASP A 93 15.54 11.63 -0.24
N GLU A 94 15.97 10.51 0.37
CA GLU A 94 15.22 9.82 1.42
C GLU A 94 15.95 9.99 2.75
N LEU A 95 15.28 10.62 3.71
CA LEU A 95 15.87 10.92 5.02
C LEU A 95 15.06 10.25 6.12
N PRO A 96 15.49 9.07 6.62
CA PRO A 96 14.92 8.45 7.82
C PRO A 96 14.87 9.39 9.02
N SER A 108 30.25 8.74 18.89
CA SER A 108 30.53 9.15 17.52
C SER A 108 29.99 8.16 16.49
N LYS A 109 29.25 8.67 15.52
CA LYS A 109 28.61 7.80 14.55
C LYS A 109 28.52 8.52 13.21
N VAL A 110 28.40 7.71 12.15
CA VAL A 110 28.11 8.19 10.81
C VAL A 110 26.85 7.47 10.33
N SER A 111 25.82 8.24 10.03
CA SER A 111 24.54 7.76 9.53
C SER A 111 24.47 7.92 8.03
N PHE A 112 23.48 7.25 7.43
CA PHE A 112 23.31 7.25 5.98
C PHE A 112 21.90 7.65 5.60
N GLN A 113 21.78 8.54 4.64
CA GLN A 113 20.52 8.84 3.97
C GLN A 113 20.66 8.48 2.50
N MET A 114 19.53 8.14 1.87
CA MET A 114 19.51 7.62 0.50
C MET A 114 19.27 8.72 -0.51
N ARG A 115 19.77 8.48 -1.71
CA ARG A 115 19.47 9.31 -2.87
C ARG A 115 19.31 8.39 -4.08
N TYR A 116 18.15 8.47 -4.72
CA TYR A 116 17.86 7.67 -5.90
C TYR A 116 17.98 8.56 -7.13
N SER A 117 18.86 8.17 -8.04
CA SER A 117 18.98 8.78 -9.35
C SER A 117 18.30 7.82 -10.35
N ILE A 118 17.17 8.27 -10.90
CA ILE A 118 16.28 7.40 -11.65
C ILE A 118 16.14 7.96 -13.07
N PRO A 119 16.35 7.15 -14.12
CA PRO A 119 16.22 7.67 -15.49
C PRO A 119 14.75 7.83 -15.85
N LEU A 120 14.45 8.95 -16.50
CA LEU A 120 13.09 9.28 -16.89
C LEU A 120 13.08 9.75 -18.33
N PHE A 121 12.18 9.18 -19.14
CA PHE A 121 12.10 9.55 -20.55
C PHE A 121 10.69 9.96 -20.92
N ALA A 122 10.57 11.06 -21.66
CA ALA A 122 9.30 11.52 -22.18
C ALA A 122 9.36 11.67 -23.70
N TYR A 123 8.22 11.42 -24.35
CA TYR A 123 8.18 11.22 -25.78
C TYR A 123 7.26 12.22 -26.46
N GLY A 124 7.76 12.83 -27.53
CA GLY A 124 6.93 13.60 -28.42
C GLY A 124 6.16 12.69 -29.37
N LYS A 125 5.39 13.33 -30.25
CA LYS A 125 4.48 12.60 -31.11
C LYS A 125 5.23 11.70 -32.07
N GLY A 126 4.70 10.50 -32.29
CA GLY A 126 5.27 9.62 -33.29
C GLY A 126 6.41 8.75 -32.82
N ILE A 127 6.68 8.72 -31.51
CA ILE A 127 7.76 7.93 -30.94
C ILE A 127 7.39 7.58 -29.50
N GLY A 128 7.80 6.38 -29.06
CA GLY A 128 7.46 5.89 -27.74
C GLY A 128 8.59 5.13 -27.09
N SER A 129 8.30 4.61 -25.89
CA SER A 129 9.27 3.84 -25.11
C SER A 129 9.51 2.46 -25.74
N GLY A 130 8.50 1.90 -26.38
CA GLY A 130 8.58 0.55 -26.89
C GLY A 130 8.34 -0.54 -25.87
N LEU A 131 8.05 -0.19 -24.61
CA LEU A 131 7.79 -1.18 -23.58
C LEU A 131 6.31 -1.55 -23.49
N THR A 132 5.45 -0.84 -24.21
CA THR A 132 4.04 -1.17 -24.32
C THR A 132 3.71 -1.55 -25.75
N GLU A 133 2.63 -2.32 -25.92
CA GLU A 133 2.19 -2.68 -27.27
C GLU A 133 1.94 -1.45 -28.11
N GLU A 134 1.25 -0.45 -27.54
CA GLU A 134 0.92 0.76 -28.28
C GLU A 134 2.18 1.52 -28.68
N SER A 135 3.15 1.63 -27.77
CA SER A 135 4.37 2.35 -28.08
C SER A 135 5.25 1.54 -29.04
N GLN A 136 5.13 0.21 -29.02
CA GLN A 136 5.83 -0.61 -30.00
C GLN A 136 5.33 -0.35 -31.41
N LYS A 137 4.02 -0.23 -31.59
CA LYS A 137 3.45 0.12 -32.89
C LYS A 137 3.93 1.50 -33.35
N LEU A 138 4.02 2.46 -32.42
CA LEU A 138 4.49 3.79 -32.78
C LEU A 138 5.89 3.72 -33.36
N ASN A 139 6.77 2.97 -32.70
CA ASN A 139 8.15 2.84 -33.16
C ASN A 139 8.25 1.96 -34.40
N ALA A 140 7.23 1.15 -34.69
CA ALA A 140 7.25 0.35 -35.91
C ALA A 140 7.20 1.24 -37.15
N LYS A 141 6.54 2.38 -37.05
CA LYS A 141 6.40 3.34 -38.14
C LYS A 141 7.55 4.34 -38.19
N ASN A 142 8.57 4.15 -37.37
CA ASN A 142 9.70 5.06 -37.25
C ASN A 142 11.00 4.29 -37.40
N ALA A 143 11.78 4.61 -38.42
CA ALA A 143 13.01 3.88 -38.69
C ALA A 143 14.08 4.13 -37.63
N LEU A 144 14.20 5.38 -37.18
CA LEU A 144 15.26 5.77 -36.26
C LEU A 144 14.85 5.71 -34.80
N ALA A 145 13.74 5.03 -34.49
CA ALA A 145 13.27 4.83 -33.12
C ALA A 145 14.02 3.67 -32.46
N LYS A 146 15.34 3.81 -32.43
CA LYS A 146 16.26 2.84 -31.90
C LYS A 146 17.61 3.51 -31.73
N PRO A 147 18.54 2.91 -30.99
CA PRO A 147 19.90 3.44 -30.97
C PRO A 147 20.69 2.99 -32.20
N VAL A 148 21.48 3.91 -32.74
CA VAL A 148 22.40 3.63 -33.85
C VAL A 148 23.78 4.08 -33.39
N LEU A 149 24.65 3.13 -33.07
CA LEU A 149 25.84 3.43 -32.29
C LEU A 149 27.10 3.27 -33.14
N GLN A 150 28.00 4.24 -32.99
CA GLN A 150 29.33 4.21 -33.59
C GLN A 150 30.35 4.53 -32.52
N TRP A 151 31.55 3.99 -32.71
CA TRP A 151 32.64 4.19 -31.78
C TRP A 151 33.88 4.70 -32.53
N SER A 152 34.82 5.21 -31.74
CA SER A 152 36.12 5.69 -32.17
C SER A 152 36.94 5.91 -30.90
N VAL A 153 38.26 5.72 -31.03
CA VAL A 153 39.18 5.86 -29.90
C VAL A 153 40.21 6.92 -30.29
N ARG A 154 40.24 8.01 -29.54
CA ARG A 154 41.22 9.06 -29.73
C ARG A 154 41.81 9.37 -28.36
N ASN A 155 43.14 9.37 -28.28
CA ASN A 155 43.82 9.42 -27.00
C ASN A 155 44.68 10.67 -26.89
N GLN A 157 43.00 11.96 -24.16
CA GLN A 157 43.14 13.42 -24.18
C GLN A 157 44.51 13.89 -23.71
N GLN A 158 44.74 13.95 -22.38
CA GLN A 158 46.02 14.43 -21.81
C GLN A 158 46.46 13.51 -20.66
N GLY A 159 47.08 12.38 -21.00
CA GLY A 159 47.23 11.91 -22.36
C GLY A 159 46.79 10.45 -22.44
N GLN A 160 45.75 10.11 -21.68
CA GLN A 160 45.25 8.75 -21.59
C GLN A 160 44.43 8.38 -22.82
N SER A 161 43.71 7.27 -22.75
CA SER A 161 42.89 6.80 -23.85
C SER A 161 41.42 6.89 -23.44
N GLU A 162 40.58 7.26 -24.41
CA GLU A 162 39.16 7.44 -24.14
C GLU A 162 38.34 6.89 -25.31
N LEU A 163 37.35 6.05 -24.99
CA LEU A 163 36.45 5.48 -25.97
C LEU A 163 35.28 6.43 -26.19
N TYR A 164 35.00 6.74 -27.45
CA TYR A 164 33.90 7.61 -27.82
C TYR A 164 32.78 6.77 -28.41
N LEU A 165 31.56 6.97 -27.93
CA LEU A 165 30.37 6.30 -28.45
C LEU A 165 29.39 7.36 -28.94
N LYS A 166 28.91 7.20 -30.17
CA LYS A 166 27.96 8.13 -30.74
C LYS A 166 26.65 7.41 -31.04
N ASN A 167 25.55 8.06 -30.71
CA ASN A 167 24.21 7.56 -31.02
C ASN A 167 23.58 8.49 -32.05
N ASN A 168 23.29 7.95 -33.23
CA ASN A 168 22.61 8.67 -34.30
C ASN A 168 21.12 8.38 -34.36
N GLY A 169 20.64 7.49 -33.48
CA GLY A 169 19.22 7.19 -33.42
C GLY A 169 18.47 8.13 -32.52
N GLN A 170 17.14 8.04 -32.59
CA GLN A 170 16.24 8.87 -31.80
C GLN A 170 15.92 8.28 -30.43
N LYS A 171 16.47 7.12 -30.08
CA LYS A 171 16.27 6.53 -28.76
C LYS A 171 17.62 6.20 -28.13
N PHE A 172 17.64 6.19 -26.80
CA PHE A 172 18.86 5.93 -26.04
C PHE A 172 19.25 4.45 -26.09
N ALA A 173 20.52 4.20 -25.79
CA ALA A 173 21.06 2.88 -25.58
C ALA A 173 21.56 2.79 -24.14
N ARG A 174 21.18 1.72 -23.45
CA ARG A 174 21.73 1.40 -22.12
C ARG A 174 22.61 0.18 -22.31
N LEU A 175 23.92 0.40 -22.37
CA LEU A 175 24.89 -0.62 -22.66
C LEU A 175 25.47 -1.19 -21.37
N SER A 176 25.65 -2.51 -21.35
CA SER A 176 26.13 -3.21 -20.16
C SER A 176 27.52 -3.80 -20.40
N ALA A 177 27.65 -4.77 -21.30
CA ALA A 177 28.92 -5.44 -21.53
C ALA A 177 29.35 -5.18 -22.97
N LEU A 178 30.63 -4.84 -23.15
CA LEU A 178 31.17 -4.46 -24.44
C LEU A 178 32.18 -5.53 -24.92
N LYS A 179 33.24 -5.09 -25.60
CA LYS A 179 34.31 -5.94 -26.12
C LYS A 179 33.78 -7.01 -27.07
N THR A 180 34.66 -7.92 -27.48
CA THR A 180 34.30 -9.03 -28.37
C THR A 180 35.03 -10.28 -27.89
N SER A 181 34.26 -11.24 -27.37
CA SER A 181 34.86 -12.47 -26.85
C SER A 181 33.96 -13.68 -27.10
N SER A 188 36.05 -7.15 -21.32
CA SER A 188 34.63 -6.97 -21.06
C SER A 188 34.43 -5.80 -20.10
N LEU A 189 35.54 -5.18 -19.73
CA LEU A 189 35.57 -3.99 -18.88
C LEU A 189 34.85 -4.22 -17.55
N GLY A 190 35.57 -4.76 -16.57
CA GLY A 190 35.07 -4.73 -15.21
C GLY A 190 34.93 -3.31 -14.70
N LYS A 191 34.23 -3.18 -13.57
CA LYS A 191 33.96 -1.88 -12.95
C LYS A 191 33.11 -0.96 -13.84
N ALA A 192 32.24 -1.56 -14.67
CA ALA A 192 31.33 -0.80 -15.53
C ALA A 192 29.98 -1.51 -15.52
N ALA A 193 29.09 -1.05 -14.64
CA ALA A 193 27.79 -1.69 -14.54
C ALA A 193 26.94 -1.41 -15.77
N PHE A 194 26.89 -0.14 -16.19
CA PHE A 194 26.16 0.23 -17.37
C PHE A 194 26.78 1.47 -17.98
N GLY A 195 26.32 1.80 -19.18
CA GLY A 195 26.66 3.06 -19.80
C GLY A 195 25.52 3.56 -20.67
N TYR A 196 25.19 4.83 -20.54
CA TYR A 196 24.11 5.46 -21.29
C TYR A 196 24.71 6.21 -22.46
N VAL A 197 24.18 5.96 -23.66
CA VAL A 197 24.43 6.82 -24.82
C VAL A 197 23.08 7.37 -25.25
N LEU A 198 22.83 8.63 -24.90
CA LEU A 198 21.55 9.24 -25.19
C LEU A 198 21.37 9.45 -26.69
N SER A 199 20.11 9.59 -27.09
CA SER A 199 19.76 9.83 -28.49
C SER A 199 20.43 11.08 -29.03
N ASN A 200 20.93 10.99 -30.26
CA ASN A 200 21.55 12.12 -30.94
C ASN A 200 22.63 12.76 -30.07
N SER A 201 23.47 11.92 -29.49
CA SER A 201 24.49 12.37 -28.55
C SER A 201 25.76 11.54 -28.73
N THR A 202 26.85 12.05 -28.17
CA THR A 202 28.12 11.35 -28.12
C THR A 202 28.69 11.49 -26.72
N VAL A 203 29.23 10.39 -26.19
CA VAL A 203 29.89 10.39 -24.88
C VAL A 203 31.20 9.65 -24.99
N LYS A 204 32.07 9.89 -24.01
CA LYS A 204 33.39 9.28 -23.97
C LYS A 204 33.63 8.64 -22.60
N PHE A 205 34.47 7.60 -22.60
CA PHE A 205 34.74 6.87 -21.37
C PHE A 205 36.24 6.74 -21.13
N ALA A 206 36.62 5.95 -20.12
CA ALA A 206 38.02 5.74 -19.74
C ALA A 206 38.39 4.30 -20.06
N ILE A 207 39.43 4.09 -20.86
CA ILE A 207 39.78 2.74 -21.29
C ILE A 207 41.29 2.57 -21.39
N ASP A 208 41.70 1.45 -21.96
CA ASP A 208 43.09 1.14 -22.31
C ASP A 208 43.04 0.02 -23.36
N GLN A 209 44.19 -0.64 -23.57
CA GLN A 209 44.28 -1.79 -24.47
C GLN A 209 43.99 -1.42 -25.92
N SER A 210 44.03 -2.42 -26.81
CA SER A 210 43.95 -2.20 -28.24
C SER A 210 43.11 -3.29 -28.90
N THR A 211 42.27 -2.87 -29.85
CA THR A 211 41.58 -3.80 -30.73
C THR A 211 41.93 -3.57 -32.20
N ALA A 212 42.80 -2.61 -32.49
CA ALA A 212 43.10 -2.26 -33.87
C ALA A 212 43.91 -3.36 -34.54
N SER A 219 36.98 -2.83 -37.46
CA SER A 219 36.31 -3.77 -36.57
C SER A 219 35.10 -3.10 -35.94
N LYS A 220 34.36 -3.86 -35.14
CA LYS A 220 33.15 -3.33 -34.53
C LYS A 220 32.96 -3.95 -33.15
N ILE A 221 32.43 -3.17 -32.24
CA ILE A 221 32.24 -3.59 -30.86
C ILE A 221 30.93 -4.34 -30.74
N TYR A 222 30.90 -5.28 -29.79
CA TYR A 222 29.71 -6.02 -29.43
C TYR A 222 29.21 -5.57 -28.07
N GLY A 223 27.90 -5.38 -27.94
CA GLY A 223 27.32 -4.87 -26.71
C GLY A 223 25.92 -5.40 -26.47
N VAL A 224 25.41 -5.15 -25.27
CA VAL A 224 24.08 -5.56 -24.85
C VAL A 224 23.33 -4.31 -24.44
N ASP A 225 22.15 -4.11 -25.00
CA ASP A 225 21.33 -2.93 -24.71
C ASP A 225 20.10 -3.37 -23.95
N SER A 226 19.84 -2.69 -22.84
CA SER A 226 18.68 -2.97 -21.99
C SER A 226 17.62 -1.89 -22.10
N SER A 227 17.69 -1.06 -23.15
CA SER A 227 16.75 0.05 -23.32
C SER A 227 15.33 -0.42 -23.56
N GLY A 228 15.15 -1.50 -24.33
CA GLY A 228 13.84 -1.98 -24.71
C GLY A 228 13.27 -3.06 -23.82
N ILE A 229 12.37 -3.86 -24.41
CA ILE A 229 11.65 -4.86 -23.62
C ILE A 229 12.52 -6.06 -23.27
N LYS A 230 13.56 -6.36 -24.05
CA LYS A 230 14.43 -7.47 -23.75
C LYS A 230 15.87 -7.11 -24.12
N GLN A 231 16.81 -7.75 -23.42
CA GLN A 231 18.23 -7.59 -23.69
C GLN A 231 18.55 -7.97 -25.12
N GLU A 232 18.87 -6.98 -25.94
CA GLU A 232 19.20 -7.19 -27.34
C GLU A 232 20.69 -7.03 -27.53
N LEU A 233 21.27 -7.95 -28.29
CA LEU A 233 22.66 -7.84 -28.70
C LEU A 233 22.74 -6.80 -29.81
N ILE A 234 23.45 -5.71 -29.56
CA ILE A 234 23.53 -4.58 -30.45
C ILE A 234 24.95 -4.47 -30.98
N GLU A 235 25.07 -4.18 -32.27
CA GLU A 235 26.38 -4.04 -32.90
C GLU A 235 26.69 -2.57 -33.15
N ILE A 236 27.92 -2.19 -32.86
CA ILE A 236 28.36 -0.80 -32.96
C ILE A 236 29.65 -0.78 -33.79
N THR A 237 29.62 -0.06 -34.90
CA THR A 237 30.72 -0.02 -35.85
C THR A 237 31.61 1.19 -35.59
N LYS A 238 32.83 1.13 -36.12
CA LYS A 238 33.82 2.16 -35.85
C LYS A 238 33.60 3.37 -36.75
N MET A 239 33.78 4.57 -36.17
CA MET A 239 33.75 5.80 -36.94
C MET A 239 35.02 5.92 -37.78
N GLU A 240 34.86 6.05 -39.09
CA GLU A 240 35.99 6.30 -40.00
C GLU A 240 35.49 6.82 -41.34
N ALA B 1 -25.93 1.30 -22.79
CA ALA B 1 -26.45 -0.06 -22.87
C ALA B 1 -25.45 -1.08 -22.32
N CYS B 2 -25.69 -2.36 -22.60
CA CYS B 2 -24.74 -3.41 -22.29
C CYS B 2 -24.04 -3.85 -23.57
N SER B 3 -22.75 -4.18 -23.45
CA SER B 3 -21.97 -4.64 -24.59
C SER B 3 -20.94 -5.63 -24.11
N VAL B 4 -20.30 -6.30 -25.06
CA VAL B 4 -19.34 -7.35 -24.79
C VAL B 4 -18.09 -7.07 -25.61
N SER B 5 -16.93 -7.09 -24.94
CA SER B 5 -15.67 -6.74 -25.58
C SER B 5 -15.13 -7.93 -26.37
N ALA B 6 -14.95 -7.73 -27.68
CA ALA B 6 -14.53 -8.79 -28.59
C ALA B 6 -13.02 -8.90 -28.68
N SER B 7 -12.30 -7.87 -28.22
CA SER B 7 -10.86 -7.80 -28.30
C SER B 7 -10.42 -6.77 -27.28
N GLY B 8 -9.25 -6.98 -26.69
CA GLY B 8 -8.87 -6.19 -25.54
C GLY B 8 -7.77 -6.80 -24.70
N THR B 9 -7.01 -5.93 -24.04
CA THR B 9 -5.90 -6.35 -23.21
C THR B 9 -5.99 -5.65 -21.88
N SER B 10 -5.82 -6.41 -20.81
CA SER B 10 -5.73 -5.91 -19.45
C SER B 10 -4.32 -6.15 -18.95
N SER B 11 -3.82 -5.23 -18.15
CA SER B 11 -2.45 -5.30 -17.66
C SER B 11 -2.37 -4.76 -16.24
N ILE B 12 -1.59 -5.44 -15.42
CA ILE B 12 -1.18 -4.93 -14.12
C ILE B 12 0.33 -4.97 -14.06
N SER B 13 0.88 -4.04 -13.28
CA SER B 13 2.32 -3.95 -13.10
C SER B 13 2.63 -4.01 -11.60
N VAL B 14 3.56 -4.89 -11.24
CA VAL B 14 4.02 -5.08 -9.86
C VAL B 14 5.54 -5.14 -9.83
N PRO B 15 6.21 -4.49 -8.87
CA PRO B 15 7.65 -4.68 -8.72
C PRO B 15 7.95 -6.04 -8.10
N SER B 16 9.13 -6.58 -8.43
CA SER B 16 9.35 -8.02 -8.30
C SER B 16 9.53 -8.46 -6.84
N ILE B 17 10.32 -7.71 -6.07
CA ILE B 17 10.57 -8.07 -4.68
C ILE B 17 9.29 -7.94 -3.84
N TYR B 18 8.59 -6.82 -3.98
CA TYR B 18 7.28 -6.66 -3.36
C TYR B 18 6.34 -7.80 -3.74
N LEU B 19 6.43 -8.26 -4.99
CA LEU B 19 5.65 -9.41 -5.44
C LEU B 19 6.03 -10.67 -4.68
N MET B 20 7.34 -10.88 -4.47
CA MET B 20 7.80 -12.05 -3.72
C MET B 20 7.35 -11.98 -2.26
N GLU B 21 7.57 -10.82 -1.62
CA GLU B 21 7.32 -10.70 -0.19
C GLU B 21 5.85 -10.47 0.14
N ASN B 22 5.08 -9.83 -0.75
CA ASN B 22 3.71 -9.47 -0.42
C ASN B 22 2.66 -10.01 -1.38
N GLY B 23 3.05 -10.59 -2.50
CA GLY B 23 2.08 -10.92 -3.52
C GLY B 23 1.50 -9.65 -4.14
N GLU B 24 0.26 -9.77 -4.61
CA GLU B 24 -0.43 -8.63 -5.21
C GLU B 24 -1.91 -8.67 -4.83
N ASN B 25 -2.43 -7.54 -4.37
CA ASN B 25 -3.80 -7.47 -3.93
C ASN B 25 -4.75 -7.55 -5.11
N SER B 26 -6.00 -7.93 -4.82
CA SER B 26 -7.04 -8.04 -5.83
C SER B 26 -7.07 -6.80 -6.71
N SER B 27 -6.57 -6.96 -7.94
CA SER B 27 -6.59 -5.90 -8.94
C SER B 27 -7.80 -6.10 -9.84
N GLN B 28 -8.56 -5.03 -10.03
CA GLN B 28 -9.74 -5.04 -10.89
C GLN B 28 -9.36 -4.94 -12.36
N PHE B 29 -9.94 -5.81 -13.18
CA PHE B 29 -9.83 -5.67 -14.63
C PHE B 29 -11.18 -5.97 -15.26
N ASN B 30 -11.28 -5.62 -16.55
CA ASN B 30 -12.51 -5.74 -17.31
C ASN B 30 -12.82 -7.18 -17.63
N SER B 31 -14.02 -7.62 -17.28
CA SER B 31 -14.39 -9.01 -17.44
C SER B 31 -14.63 -9.38 -18.89
N GLY B 32 -14.94 -8.38 -19.71
CA GLY B 32 -15.47 -8.59 -21.04
C GLY B 32 -16.87 -8.00 -21.21
N LEU B 33 -17.62 -7.88 -20.12
CA LEU B 33 -18.97 -7.33 -20.16
C LEU B 33 -19.01 -5.96 -19.48
N SER B 34 -19.74 -5.04 -20.10
CA SER B 34 -19.87 -3.67 -19.65
C SER B 34 -21.30 -3.23 -19.87
N CYS B 35 -21.80 -2.39 -18.96
CA CYS B 35 -23.16 -1.87 -19.05
C CYS B 35 -23.19 -0.44 -18.55
N THR B 36 -23.80 0.43 -19.34
CA THR B 36 -24.10 1.79 -18.96
C THR B 36 -25.59 2.01 -19.09
N GLY B 37 -26.11 2.98 -18.35
CA GLY B 37 -27.55 3.26 -18.40
C GLY B 37 -28.42 2.26 -17.68
N PHE B 38 -27.82 1.30 -16.97
CA PHE B 38 -28.56 0.39 -16.12
C PHE B 38 -29.31 1.17 -15.04
N SER B 39 -30.46 0.64 -14.65
CA SER B 39 -31.23 1.18 -13.54
C SER B 39 -30.57 0.81 -12.21
N LEU B 40 -30.59 1.75 -11.27
CA LEU B 40 -30.13 1.52 -9.91
C LEU B 40 -31.28 1.45 -8.91
N ALA B 41 -32.50 1.25 -9.40
CA ALA B 41 -33.68 1.27 -8.55
C ALA B 41 -33.82 -0.02 -7.75
N LEU B 42 -33.15 -1.10 -8.18
CA LEU B 42 -33.17 -2.42 -7.56
C LEU B 42 -34.58 -3.02 -7.54
N ALA B 43 -35.43 -2.61 -8.48
CA ALA B 43 -36.80 -3.11 -8.54
C ALA B 43 -36.93 -4.35 -9.44
N ASN B 44 -36.10 -4.48 -10.47
CA ASN B 44 -36.16 -5.60 -11.38
C ASN B 44 -34.93 -6.48 -11.24
N MET B 45 -35.14 -7.80 -11.23
CA MET B 45 -34.05 -8.76 -11.15
C MET B 45 -33.09 -8.57 -12.31
N THR B 46 -31.79 -8.52 -12.02
CA THR B 46 -30.76 -8.48 -13.04
C THR B 46 -30.27 -9.90 -13.28
N TYR B 47 -30.63 -10.49 -14.41
CA TYR B 47 -30.18 -11.82 -14.74
C TYR B 47 -28.79 -11.76 -15.37
N LEU B 48 -27.87 -12.53 -14.83
CA LEU B 48 -26.53 -12.58 -15.37
C LEU B 48 -25.85 -13.88 -14.92
N MLY B 49 -25.45 -14.64 -15.92
CA MLY B 49 -24.74 -15.89 -15.74
CB MLY B 49 -25.65 -17.09 -16.06
CG MLY B 49 -24.96 -18.44 -16.01
CD MLY B 49 -25.44 -19.40 -17.12
CE MLY B 49 -26.94 -19.51 -17.19
NZ MLY B 49 -27.47 -20.43 -18.27
CH1 MLY B 49 -26.84 -20.09 -19.56
CH2 MLY B 49 -27.01 -21.79 -17.98
C MLY B 49 -23.56 -15.84 -16.70
O MLY B 49 -23.69 -15.36 -17.83
N TYR B 50 -22.41 -16.30 -16.25
CA TYR B 50 -21.27 -16.39 -17.14
C TYR B 50 -20.78 -17.83 -17.22
N ARG B 51 -20.15 -18.16 -18.34
CA ARG B 51 -19.45 -19.42 -18.51
C ARG B 51 -18.07 -19.12 -19.08
N VAL B 52 -17.05 -19.41 -18.29
CA VAL B 52 -15.67 -19.21 -18.71
C VAL B 52 -15.32 -20.35 -19.66
N GLU B 53 -15.23 -20.03 -20.95
CA GLU B 53 -14.89 -21.00 -21.98
C GLU B 53 -13.39 -21.17 -22.16
N GLN B 54 -12.60 -20.18 -21.74
CA GLN B 54 -11.15 -20.29 -21.86
C GLN B 54 -10.53 -19.38 -20.83
N MET B 55 -9.49 -19.90 -20.16
CA MET B 55 -8.83 -19.18 -19.08
C MET B 55 -7.56 -19.92 -18.67
N SER B 56 -6.61 -19.15 -18.15
CA SER B 56 -5.36 -19.70 -17.63
C SER B 56 -4.99 -18.97 -16.36
N ASN B 57 -4.57 -19.71 -15.34
CA ASN B 57 -3.99 -19.10 -14.16
C ASN B 57 -2.47 -18.98 -14.27
N SER B 58 -1.89 -19.46 -15.36
CA SER B 58 -0.45 -19.41 -15.60
C SER B 58 -0.13 -18.24 -16.51
N PHE B 59 0.93 -17.48 -16.17
CA PHE B 59 1.37 -16.32 -16.94
C PHE B 59 2.83 -16.50 -17.28
N THR B 60 3.16 -16.50 -18.57
CA THR B 60 4.46 -16.90 -19.06
C THR B 60 5.19 -15.71 -19.68
N ASN B 61 6.45 -15.54 -19.28
CA ASN B 61 7.38 -14.61 -19.88
C ASN B 61 8.03 -15.26 -21.09
N ALA B 62 7.72 -14.75 -22.30
CA ALA B 62 8.15 -15.45 -23.51
C ALA B 62 9.67 -15.54 -23.63
N GLN B 63 10.42 -14.66 -22.99
CA GLN B 63 11.86 -14.64 -23.25
C GLN B 63 12.69 -15.41 -22.23
N THR B 64 12.11 -15.79 -21.09
CA THR B 64 12.82 -16.64 -20.13
C THR B 64 12.16 -17.99 -19.90
N GLY B 65 10.91 -18.19 -20.30
CA GLY B 65 10.18 -19.37 -19.89
C GLY B 65 9.66 -19.35 -18.48
N GLU B 66 10.01 -18.36 -17.67
CA GLU B 66 9.52 -18.28 -16.29
C GLU B 66 8.04 -17.97 -16.26
N MLY B 67 7.39 -18.36 -15.16
CA MLY B 67 5.95 -18.25 -15.04
CB MLY B 67 5.30 -19.63 -15.22
CG MLY B 67 5.32 -20.16 -16.64
CD MLY B 67 4.84 -21.63 -16.71
CE MLY B 67 4.48 -22.05 -18.13
NZ MLY B 67 4.73 -23.50 -18.41
CH1 MLY B 67 3.85 -24.29 -17.54
CH2 MLY B 67 4.28 -23.75 -19.79
C MLY B 67 5.51 -17.64 -13.70
O MLY B 67 6.22 -17.72 -12.71
N LEU B 68 4.33 -17.05 -13.73
CA LEU B 68 3.61 -16.63 -12.54
C LEU B 68 2.28 -17.36 -12.49
N ASN B 69 1.76 -17.61 -11.29
CA ASN B 69 0.43 -18.15 -11.13
C ASN B 69 -0.46 -17.11 -10.49
N ALA B 70 -1.71 -17.06 -10.96
CA ALA B 70 -2.64 -16.05 -10.49
C ALA B 70 -3.99 -16.70 -10.19
N ILE B 71 -4.73 -16.02 -9.32
CA ILE B 71 -6.10 -16.38 -9.00
C ILE B 71 -6.99 -15.34 -9.69
N ILE B 72 -8.05 -15.82 -10.34
CA ILE B 72 -9.02 -14.95 -11.00
C ILE B 72 -10.36 -15.07 -10.29
N LEU B 73 -11.00 -13.94 -10.02
CA LEU B 73 -12.25 -13.88 -9.28
C LEU B 73 -13.24 -12.97 -10.00
N ASP B 74 -14.53 -13.08 -9.64
CA ASP B 74 -15.64 -12.75 -10.51
C ASP B 74 -16.48 -11.53 -10.11
N SER B 75 -16.01 -10.70 -9.18
CA SER B 75 -16.64 -9.43 -8.76
C SER B 75 -17.48 -9.57 -7.51
N ASN B 76 -17.90 -10.80 -7.18
CA ASN B 76 -18.21 -11.17 -5.81
C ASN B 76 -17.00 -11.78 -5.10
N ASN B 77 -15.80 -11.66 -5.69
CA ASN B 77 -14.57 -12.24 -5.16
C ASN B 77 -14.71 -13.73 -4.90
N GLU B 78 -15.48 -14.42 -5.76
CA GLU B 78 -15.51 -15.87 -5.79
C GLU B 78 -14.58 -16.33 -6.91
N ILE B 79 -13.68 -17.26 -6.59
CA ILE B 79 -12.76 -17.81 -7.57
C ILE B 79 -13.54 -18.38 -8.75
N ILE B 80 -13.10 -18.07 -9.95
CA ILE B 80 -13.73 -18.62 -11.13
C ILE B 80 -12.90 -19.79 -11.64
N SER B 81 -13.60 -20.78 -12.19
CA SER B 81 -12.97 -22.00 -12.64
C SER B 81 -13.60 -22.44 -13.95
N LEU B 82 -12.75 -22.90 -14.87
CA LEU B 82 -13.21 -23.38 -16.17
C LEU B 82 -14.19 -24.54 -16.00
N GLY B 83 -15.19 -24.59 -16.87
CA GLY B 83 -16.09 -25.71 -16.89
C GLY B 83 -17.22 -25.65 -15.89
N GLN B 84 -17.42 -24.51 -15.25
CA GLN B 84 -18.49 -24.36 -14.27
C GLN B 84 -19.10 -22.98 -14.44
N GLU B 85 -20.38 -22.95 -14.81
CA GLU B 85 -21.15 -21.73 -14.85
C GLU B 85 -21.38 -21.19 -13.44
N LYS B 86 -21.63 -19.88 -13.36
CA LYS B 86 -22.10 -19.26 -12.13
C LYS B 86 -23.18 -18.25 -12.48
N ASP B 87 -24.35 -18.46 -11.90
CA ASP B 87 -25.44 -17.50 -11.97
C ASP B 87 -25.24 -16.43 -10.91
N MET B 88 -25.05 -15.18 -11.33
CA MET B 88 -24.88 -14.07 -10.42
C MET B 88 -26.14 -13.21 -10.28
N SER B 89 -27.27 -13.67 -10.82
CA SER B 89 -28.51 -12.89 -10.85
C SER B 89 -29.00 -12.50 -9.45
N SER B 90 -29.15 -11.20 -9.23
CA SER B 90 -29.78 -10.63 -8.04
C SER B 90 -30.41 -9.29 -8.42
N PHE B 91 -31.04 -8.67 -7.44
CA PHE B 91 -31.58 -7.33 -7.59
C PHE B 91 -30.51 -6.25 -7.47
N THR B 92 -29.40 -6.56 -6.81
CA THR B 92 -28.37 -5.58 -6.51
C THR B 92 -27.13 -5.71 -7.39
N LEU B 93 -27.05 -6.75 -8.20
CA LEU B 93 -25.89 -6.97 -9.07
C LEU B 93 -25.51 -5.73 -9.85
N VAL B 94 -26.50 -4.88 -10.14
CA VAL B 94 -26.29 -3.68 -10.93
C VAL B 94 -25.28 -2.72 -10.32
N ASN B 95 -25.04 -2.77 -9.01
CA ASN B 95 -24.08 -1.84 -8.39
C ASN B 95 -22.63 -2.32 -8.44
N LEU B 96 -22.36 -3.50 -9.02
CA LEU B 96 -20.99 -3.92 -9.27
C LEU B 96 -20.38 -3.31 -10.53
N PHE B 97 -21.20 -2.79 -11.44
CA PHE B 97 -20.66 -2.13 -12.62
C PHE B 97 -19.89 -0.89 -12.18
N SER B 98 -18.65 -0.79 -12.63
CA SER B 98 -17.68 0.18 -12.14
C SER B 98 -17.20 1.07 -13.26
N GLY B 99 -16.76 2.26 -12.88
CA GLY B 99 -16.15 3.19 -13.80
C GLY B 99 -17.15 3.81 -14.75
N PRO B 100 -16.66 4.71 -15.60
CA PRO B 100 -17.56 5.38 -16.56
C PRO B 100 -18.08 4.42 -17.62
N ASP B 101 -17.25 3.47 -18.06
CA ASP B 101 -17.63 2.46 -19.04
C ASP B 101 -18.53 1.37 -18.47
N GLY B 102 -18.83 1.38 -17.17
CA GLY B 102 -19.70 0.39 -16.58
C GLY B 102 -19.14 -1.00 -16.62
N ASN B 103 -17.83 -1.13 -16.55
CA ASN B 103 -17.19 -2.43 -16.64
C ASN B 103 -17.58 -3.31 -15.46
N LEU B 104 -18.06 -4.49 -15.77
CA LEU B 104 -18.25 -5.52 -14.76
C LEU B 104 -16.88 -6.08 -14.41
N PRO B 105 -16.40 -5.86 -13.19
CA PRO B 105 -15.01 -6.17 -12.87
C PRO B 105 -14.78 -7.64 -12.57
N PHE B 106 -13.66 -8.13 -13.03
CA PHE B 106 -13.06 -9.33 -12.46
C PHE B 106 -11.82 -8.89 -11.69
N TYR B 107 -11.24 -9.82 -10.95
CA TYR B 107 -10.09 -9.51 -10.13
C TYR B 107 -9.01 -10.53 -10.42
N ILE B 108 -7.77 -10.07 -10.33
CA ILE B 108 -6.62 -10.95 -10.42
C ILE B 108 -5.86 -10.78 -9.10
N ARG B 109 -5.37 -11.89 -8.58
CA ARG B 109 -4.62 -11.89 -7.34
C ARG B 109 -3.41 -12.79 -7.51
N LEU B 110 -2.25 -12.28 -7.13
CA LEU B 110 -1.02 -13.05 -7.13
C LEU B 110 -0.62 -13.35 -5.70
N PRO B 111 -0.55 -14.61 -5.33
CA PRO B 111 -0.15 -14.95 -3.96
C PRO B 111 1.34 -15.12 -3.79
N ALA B 112 1.70 -15.52 -2.56
CA ALA B 112 2.86 -16.32 -2.26
C ALA B 112 4.16 -15.57 -2.40
N GLY B 113 5.25 -16.33 -2.39
CA GLY B 113 6.59 -15.89 -2.68
C GLY B 113 6.99 -16.38 -4.06
N GLN B 114 6.40 -15.76 -5.07
CA GLN B 114 6.78 -15.96 -6.46
C GLN B 114 7.88 -14.99 -6.80
N SER B 115 9.02 -15.51 -7.24
CA SER B 115 10.21 -14.74 -7.56
C SER B 115 10.52 -14.97 -9.04
N VAL B 116 10.43 -13.90 -9.84
CA VAL B 116 10.65 -13.96 -11.28
C VAL B 116 11.35 -12.68 -11.73
N SER B 117 12.11 -12.81 -12.81
CA SER B 117 12.80 -11.66 -13.38
C SER B 117 11.78 -10.68 -13.95
N PRO B 118 12.11 -9.37 -13.95
CA PRO B 118 11.24 -8.38 -14.60
C PRO B 118 11.05 -8.70 -16.08
N GLY B 119 9.86 -8.37 -16.57
CA GLY B 119 9.46 -8.73 -17.92
C GLY B 119 7.95 -8.76 -18.01
N VAL B 120 7.46 -9.19 -19.16
CA VAL B 120 6.03 -9.30 -19.39
C VAL B 120 5.65 -10.75 -19.27
N TYR B 121 4.68 -11.01 -18.40
CA TYR B 121 4.19 -12.35 -18.10
C TYR B 121 2.77 -12.41 -18.66
N GLN B 122 2.65 -13.04 -19.83
CA GLN B 122 1.40 -13.07 -20.56
C GLN B 122 0.63 -14.33 -20.22
N ALA B 123 -0.69 -14.17 -20.08
CA ALA B 123 -1.56 -15.31 -19.79
C ALA B 123 -1.42 -16.36 -20.89
N ASP B 124 -1.33 -17.62 -20.47
CA ASP B 124 -1.03 -18.68 -21.41
C ASP B 124 -2.15 -18.89 -22.42
N SER B 125 -3.38 -18.51 -22.06
CA SER B 125 -4.49 -18.46 -22.99
C SER B 125 -5.27 -17.18 -22.73
N PRO B 126 -5.97 -16.68 -23.73
CA PRO B 126 -6.88 -15.56 -23.49
C PRO B 126 -8.05 -15.98 -22.62
N LEU B 127 -8.66 -14.99 -22.01
CA LEU B 127 -9.86 -15.16 -21.22
C LEU B 127 -11.06 -14.98 -22.14
N LYS B 128 -11.77 -16.07 -22.41
CA LYS B 128 -12.98 -16.06 -23.23
C LYS B 128 -14.16 -16.47 -22.36
N VAL B 129 -15.18 -15.61 -22.32
CA VAL B 129 -16.33 -15.80 -21.45
C VAL B 129 -17.60 -15.71 -22.29
N LYS B 130 -18.56 -16.59 -22.00
CA LYS B 130 -19.89 -16.51 -22.58
C LYS B 130 -20.85 -15.95 -21.52
N TRP B 131 -21.61 -14.94 -21.90
CA TRP B 131 -22.45 -14.18 -21.00
C TRP B 131 -23.91 -14.34 -21.40
N PHE B 132 -24.78 -14.39 -20.40
CA PHE B 132 -26.22 -14.51 -20.55
C PHE B 132 -26.84 -13.48 -19.62
N TYR B 133 -27.43 -12.41 -20.17
CA TYR B 133 -27.81 -11.30 -19.31
C TYR B 133 -29.10 -10.62 -19.76
N SER B 134 -29.77 -10.01 -18.78
CA SER B 134 -30.89 -9.10 -19.01
C SER B 134 -30.88 -8.08 -17.88
N VAL B 135 -30.47 -6.86 -18.21
CA VAL B 135 -30.18 -5.81 -17.24
C VAL B 135 -31.25 -4.73 -17.37
N PRO B 136 -31.94 -4.38 -16.29
CA PRO B 136 -32.92 -3.29 -16.37
C PRO B 136 -32.26 -1.98 -16.74
N ALA B 137 -32.89 -1.25 -17.65
CA ALA B 137 -32.38 0.04 -18.12
C ALA B 137 -32.98 1.17 -17.31
N VAL B 138 -32.19 2.23 -17.12
CA VAL B 138 -32.68 3.44 -16.47
C VAL B 138 -33.94 3.94 -17.17
N ALA B 139 -34.80 4.62 -16.41
CA ALA B 139 -36.16 4.89 -16.85
C ALA B 139 -36.22 5.91 -18.00
N ILE B 140 -35.26 6.85 -18.05
CA ILE B 140 -35.36 7.90 -19.05
C ILE B 140 -35.22 7.35 -20.46
N VAL B 141 -34.59 6.18 -20.62
CA VAL B 141 -34.48 5.55 -21.92
C VAL B 141 -35.70 4.71 -22.24
N GLY B 142 -36.63 4.59 -21.32
CA GLY B 142 -37.85 3.84 -21.56
C GLY B 142 -38.30 3.13 -20.32
N ILE B 143 -39.56 2.71 -20.34
CA ILE B 143 -40.16 1.97 -19.24
C ILE B 143 -40.20 0.51 -19.63
N GLY B 144 -39.69 -0.35 -18.76
CA GLY B 144 -39.71 -1.78 -19.03
C GLY B 144 -38.73 -2.21 -20.09
N VAL B 145 -37.63 -1.50 -20.26
CA VAL B 145 -36.63 -1.83 -21.27
C VAL B 145 -35.45 -2.50 -20.58
N PHE B 146 -34.86 -3.48 -21.25
CA PHE B 146 -33.78 -4.30 -20.70
C PHE B 146 -32.68 -4.48 -21.73
N PHE B 147 -31.44 -4.49 -21.25
CA PHE B 147 -30.27 -4.81 -22.05
C PHE B 147 -30.00 -6.30 -21.93
N GLU B 148 -30.05 -7.01 -23.06
CA GLU B 148 -30.12 -8.46 -23.07
C GLU B 148 -29.15 -9.06 -24.07
N SER B 149 -28.59 -10.19 -23.69
CA SER B 149 -27.81 -11.01 -24.58
C SER B 149 -28.74 -11.66 -25.60
N PRO B 150 -28.18 -12.25 -26.67
CA PRO B 150 -29.03 -12.72 -27.77
C PRO B 150 -29.94 -13.89 -27.38
N GLY B 151 -31.19 -13.79 -27.79
CA GLY B 151 -32.14 -14.85 -27.55
C GLY B 151 -32.69 -14.91 -26.15
N PHE B 152 -32.36 -13.93 -25.31
CA PHE B 152 -32.87 -13.92 -23.94
C PHE B 152 -34.37 -13.68 -23.93
N ARG B 153 -35.05 -14.38 -23.03
CA ARG B 153 -36.48 -14.18 -22.78
C ARG B 153 -36.68 -14.17 -21.28
N ARG B 154 -37.07 -13.02 -20.73
CA ARG B 154 -37.36 -12.96 -19.31
C ARG B 154 -38.64 -13.72 -18.93
N GLY B 155 -39.40 -14.21 -19.90
CA GLY B 155 -40.64 -14.91 -19.64
C GLY B 155 -41.84 -13.98 -19.61
N GLY B 158 -47.19 -15.87 -23.50
CA GLY B 158 -46.99 -17.24 -23.92
C GLY B 158 -45.58 -17.58 -24.36
N ILE B 159 -44.58 -17.00 -23.68
CA ILE B 159 -43.17 -17.20 -24.02
C ILE B 159 -42.43 -17.54 -22.73
N GLY B 160 -41.87 -18.74 -22.67
CA GLY B 160 -41.14 -19.17 -21.49
C GLY B 160 -39.84 -18.40 -21.29
N PHE B 161 -39.29 -18.57 -20.10
CA PHE B 161 -37.97 -18.03 -19.77
C PHE B 161 -36.90 -18.79 -20.56
N ASN B 162 -35.91 -18.06 -21.06
CA ASN B 162 -34.83 -18.65 -21.84
C ASN B 162 -33.58 -17.79 -21.71
N TRP B 163 -32.46 -18.44 -21.36
CA TRP B 163 -31.17 -17.77 -21.25
C TRP B 163 -30.62 -17.34 -22.61
N GLY B 164 -31.12 -17.94 -23.69
CA GLY B 164 -30.62 -17.66 -25.02
C GLY B 164 -29.27 -18.32 -25.28
N SER B 165 -28.67 -17.91 -26.40
CA SER B 165 -27.42 -18.50 -26.86
C SER B 165 -26.18 -17.85 -26.24
N GLY B 166 -26.32 -16.68 -25.63
CA GLY B 166 -25.19 -16.01 -25.00
C GLY B 166 -24.40 -15.13 -25.95
N ALA B 167 -23.51 -14.33 -25.36
CA ALA B 167 -22.58 -13.48 -26.08
C ALA B 167 -21.19 -13.65 -25.52
N ASP B 168 -20.20 -13.71 -26.42
CA ASP B 168 -18.85 -14.08 -26.07
C ASP B 168 -17.95 -12.86 -25.99
N SER B 169 -17.24 -12.72 -24.87
CA SER B 169 -16.16 -11.78 -24.74
C SER B 169 -14.82 -12.50 -24.86
N LEU B 170 -13.79 -11.75 -25.23
CA LEU B 170 -12.45 -12.29 -25.39
C LEU B 170 -11.46 -11.18 -25.05
N GLY B 171 -10.55 -11.48 -24.13
CA GLY B 171 -9.56 -10.49 -23.72
C GLY B 171 -8.30 -11.17 -23.25
N SER B 172 -7.18 -10.49 -23.45
CA SER B 172 -5.90 -11.01 -23.01
C SER B 172 -5.50 -10.37 -21.67
N LEU B 173 -4.70 -11.10 -20.91
CA LEU B 173 -4.25 -10.69 -19.59
C LEU B 173 -2.74 -10.73 -19.57
N SER B 174 -2.14 -9.66 -19.04
CA SER B 174 -0.70 -9.53 -18.94
C SER B 174 -0.34 -8.95 -17.59
N ILE B 175 0.78 -9.43 -17.04
CA ILE B 175 1.35 -8.94 -15.81
C ILE B 175 2.77 -8.49 -16.11
N THR B 176 3.03 -7.21 -15.90
CA THR B 176 4.38 -6.69 -16.06
C THR B 176 5.05 -6.68 -14.69
N VAL B 177 6.14 -7.42 -14.58
CA VAL B 177 6.96 -7.41 -13.39
C VAL B 177 8.04 -6.35 -13.56
N LEU B 178 8.13 -5.38 -12.58
CA LEU B 178 9.04 -4.26 -12.74
C LEU B 178 10.31 -4.45 -11.94
N PRO B 179 11.42 -3.88 -12.41
CA PRO B 179 12.63 -3.86 -11.58
C PRO B 179 12.37 -3.17 -10.25
N ASP B 180 13.23 -3.46 -9.28
CA ASP B 180 12.94 -3.17 -7.89
C ASP B 180 14.22 -3.34 -7.09
N CYS B 181 14.49 -2.39 -6.20
CA CYS B 181 15.69 -2.42 -5.37
C CYS B 181 15.36 -1.95 -3.96
N ARG B 182 15.91 -2.64 -2.96
CA ARG B 182 15.87 -2.21 -1.58
C ARG B 182 17.28 -1.97 -1.07
N ILE B 183 17.46 -0.86 -0.33
CA ILE B 183 18.74 -0.47 0.24
C ILE B 183 18.65 -0.54 1.76
N LEU B 184 19.67 -1.12 2.39
CA LEU B 184 19.78 -1.16 3.85
C LEU B 184 21.19 -0.72 4.24
N ALA B 185 21.28 0.40 4.95
CA ALA B 185 22.56 0.99 5.36
C ALA B 185 22.45 1.46 6.80
N GLN B 186 23.07 0.74 7.71
CA GLN B 186 23.02 1.04 9.13
C GLN B 186 24.10 2.06 9.52
N ASP B 187 23.95 2.60 10.73
CA ASP B 187 24.94 3.53 11.27
C ASP B 187 26.28 2.84 11.47
N VAL B 188 27.35 3.63 11.34
CA VAL B 188 28.68 3.24 11.76
C VAL B 188 28.93 3.87 13.14
N ASN B 189 29.03 3.04 14.17
CA ASN B 189 29.18 3.51 15.55
C ASN B 189 30.62 3.35 16.01
N PHE B 190 31.33 4.47 16.14
CA PHE B 190 32.65 4.44 16.75
C PHE B 190 32.56 4.18 18.25
N GLY B 191 33.71 3.89 18.84
CA GLY B 191 33.80 3.49 20.23
C GLY B 191 33.49 4.56 21.26
N THR B 192 34.26 4.56 22.35
CA THR B 192 33.91 5.32 23.54
C THR B 192 34.13 6.82 23.38
N ALA B 193 35.23 7.32 23.94
CA ALA B 193 35.59 8.74 23.90
C ALA B 193 36.99 8.87 24.47
N ALA B 194 37.30 10.02 25.06
CA ALA B 194 38.61 10.29 25.67
C ALA B 194 39.76 9.95 24.72
N PHE B 195 39.76 10.64 23.57
CA PHE B 195 40.77 10.41 22.55
C PHE B 195 42.10 11.03 22.96
N LEU B 199 40.15 6.19 18.79
CA LEU B 199 38.98 5.59 18.18
C LEU B 199 39.37 4.63 17.07
N GLU B 200 39.22 3.34 17.34
CA GLU B 200 39.59 2.32 16.37
C GLU B 200 38.71 2.44 15.13
N PRO B 201 39.18 1.93 14.00
CA PRO B 201 38.33 1.89 12.80
C PRO B 201 37.14 0.97 13.01
N VAL B 202 36.16 1.12 12.13
CA VAL B 202 34.99 0.26 12.08
C VAL B 202 34.87 -0.30 10.67
N GLN B 203 34.83 -1.62 10.56
CA GLN B 203 34.52 -2.30 9.32
C GLN B 203 33.04 -2.68 9.38
N SER B 204 32.22 -1.99 8.59
CA SER B 204 30.80 -2.28 8.50
C SER B 204 30.43 -2.68 7.07
N SER B 205 29.16 -2.55 6.71
CA SER B 205 28.70 -2.96 5.40
C SER B 205 27.34 -2.34 5.11
N MET B 206 27.00 -2.32 3.83
CA MET B 206 25.74 -1.85 3.29
C MET B 206 25.21 -2.93 2.36
N GLY B 207 23.90 -3.15 2.38
CA GLY B 207 23.27 -4.20 1.60
C GLY B 207 22.22 -3.66 0.65
N ILE B 208 22.19 -4.24 -0.56
CA ILE B 208 21.24 -3.84 -1.60
C ILE B 208 20.66 -5.10 -2.24
N ARG B 209 19.35 -5.27 -2.12
CA ARG B 209 18.62 -6.37 -2.72
C ARG B 209 17.91 -5.81 -3.94
N CYS B 210 18.38 -6.19 -5.12
CA CYS B 210 17.83 -5.72 -6.38
C CYS B 210 17.31 -6.87 -7.22
N SER B 211 16.35 -6.57 -8.08
CA SER B 211 15.87 -7.51 -9.07
C SER B 211 17.00 -7.84 -10.05
N VAL B 212 16.79 -8.92 -10.81
CA VAL B 212 17.92 -9.66 -11.37
C VAL B 212 18.77 -8.80 -12.31
N ASN B 213 18.16 -8.17 -13.31
CA ASN B 213 18.95 -7.50 -14.34
C ASN B 213 18.89 -5.99 -14.19
N THR B 214 19.34 -5.49 -13.04
CA THR B 214 19.19 -4.08 -12.69
C THR B 214 20.51 -3.53 -12.18
N PRO B 215 21.41 -3.16 -13.08
CA PRO B 215 22.70 -2.62 -12.65
C PRO B 215 22.57 -1.21 -12.12
N TYR B 216 23.60 -0.78 -11.38
CA TYR B 216 23.59 0.52 -10.73
C TYR B 216 25.00 0.84 -10.25
N TYR B 217 25.23 2.13 -10.00
CA TYR B 217 26.43 2.61 -9.33
C TYR B 217 26.03 3.17 -7.96
N VAL B 218 26.83 2.88 -6.94
CA VAL B 218 26.64 3.40 -5.58
C VAL B 218 27.75 4.42 -5.29
N SER B 219 27.36 5.66 -5.05
CA SER B 219 28.30 6.71 -4.69
C SER B 219 27.99 7.21 -3.28
N LEU B 220 29.01 7.75 -2.62
CA LEU B 220 28.84 8.41 -1.33
C LEU B 220 29.41 9.81 -1.42
N ASN B 221 28.67 10.78 -0.89
CA ASN B 221 29.12 12.17 -0.92
C ASN B 221 30.05 12.44 0.25
N ASN B 222 30.25 13.71 0.60
CA ASN B 222 31.25 14.08 1.59
C ASN B 222 30.63 14.56 2.90
N GLY B 223 29.40 14.13 3.20
CA GLY B 223 28.73 14.46 4.44
C GLY B 223 28.30 15.93 4.50
N LEU B 224 27.79 16.31 5.67
CA LEU B 224 27.25 17.65 5.87
C LEU B 224 28.31 18.70 6.13
N SER B 225 29.53 18.31 6.49
CA SER B 225 30.55 19.27 6.95
C SER B 225 31.92 18.99 6.34
N PRO B 226 32.04 18.99 5.01
CA PRO B 226 33.36 18.82 4.41
C PRO B 226 34.23 20.03 4.72
N GLN B 227 35.51 19.77 4.98
CA GLN B 227 36.34 20.83 5.55
C GLN B 227 37.12 21.60 4.49
N ASN B 228 37.75 20.90 3.55
CA ASN B 228 38.48 21.58 2.48
C ASN B 228 37.86 21.33 1.11
N GLY B 229 36.58 21.02 1.07
CA GLY B 229 35.93 20.70 -0.19
C GLY B 229 35.56 19.23 -0.29
N ASN B 230 36.52 18.34 0.02
CA ASN B 230 36.26 16.91 -0.14
C ASN B 230 36.83 16.07 1.00
N GLN B 231 37.05 16.66 2.17
CA GLN B 231 37.48 15.93 3.35
C GLN B 231 36.30 15.80 4.30
N ARG B 232 35.80 14.58 4.46
CA ARG B 232 34.65 14.34 5.34
C ARG B 232 35.00 14.71 6.77
N ALA B 233 33.99 15.14 7.52
CA ALA B 233 34.22 15.52 8.90
C ALA B 233 32.93 15.45 9.69
N MET B 234 33.04 15.01 10.94
CA MET B 234 31.91 14.88 11.85
C MET B 234 31.81 16.11 12.75
N LYS B 235 30.59 16.58 12.98
CA LYS B 235 30.36 17.81 13.73
C LYS B 235 30.26 17.52 15.23
N SER B 236 30.89 18.37 16.02
CA SER B 236 30.78 18.33 17.48
C SER B 236 29.40 18.86 17.93
N THR B 241 33.47 21.99 16.90
CA THR B 241 34.69 21.59 16.22
C THR B 241 34.40 20.37 15.37
N PHE B 242 35.36 19.98 14.52
CA PHE B 242 35.15 18.90 13.58
C PHE B 242 36.21 17.82 13.76
N LEU B 243 35.81 16.59 13.41
CA LEU B 243 36.67 15.42 13.43
C LEU B 243 36.67 14.78 12.06
N LYS B 244 37.83 14.76 11.41
CA LYS B 244 37.96 14.26 10.05
C LYS B 244 37.96 12.73 10.02
N TYR B 245 37.25 12.18 9.04
CA TYR B 245 37.20 10.75 8.80
C TYR B 245 37.12 10.49 7.30
N ASP B 246 37.19 9.21 6.95
CA ASP B 246 37.01 8.80 5.57
C ASP B 246 36.50 7.37 5.56
N ILE B 247 36.06 6.96 4.38
CA ILE B 247 35.40 5.68 4.16
C ILE B 247 36.12 5.00 3.01
N PHE B 248 36.43 3.72 3.17
CA PHE B 248 37.26 3.00 2.22
C PHE B 248 36.60 1.67 1.87
N LYS B 249 36.64 1.32 0.59
CA LYS B 249 36.09 0.04 0.14
C LYS B 249 36.80 -1.11 0.81
N ASN B 250 36.01 -2.08 1.28
CA ASN B 250 36.50 -3.33 1.90
C ASN B 250 37.48 -2.93 3.00
N SER B 251 38.64 -3.58 3.13
CA SER B 251 39.67 -3.20 4.08
C SER B 251 40.84 -2.48 3.42
N SER B 252 40.61 -1.83 2.28
CA SER B 252 41.67 -1.30 1.44
C SER B 252 41.91 0.17 1.74
N ASN B 253 42.80 0.79 0.97
CA ASN B 253 43.03 2.23 1.02
C ASN B 253 42.30 2.98 -0.09
N ASP B 254 41.38 2.31 -0.81
CA ASP B 254 40.66 2.94 -1.89
C ASP B 254 39.44 3.69 -1.35
N ARG B 255 39.44 5.01 -1.45
CA ARG B 255 38.35 5.83 -0.94
C ARG B 255 37.06 5.53 -1.70
N TRP B 256 35.98 5.33 -0.95
CA TRP B 256 34.65 5.20 -1.52
C TRP B 256 34.00 6.58 -1.57
N GLY B 257 33.67 7.03 -2.78
CA GLY B 257 33.12 8.36 -2.97
C GLY B 257 32.26 8.51 -4.21
N SER B 258 32.51 9.56 -4.98
CA SER B 258 31.73 9.87 -6.18
C SER B 258 32.59 9.59 -7.41
N ARG B 262 33.40 5.83 -6.83
CA ARG B 262 32.09 5.16 -6.87
C ARG B 262 32.27 3.65 -7.07
N TRP B 263 31.17 2.93 -6.89
CA TRP B 263 31.23 1.48 -6.76
C TRP B 263 30.18 0.85 -7.63
N SER B 264 30.64 0.08 -8.62
CA SER B 264 29.75 -0.60 -9.54
C SER B 264 29.13 -1.82 -8.87
N SER B 265 27.84 -2.01 -9.12
CA SER B 265 27.10 -3.15 -8.58
C SER B 265 27.71 -4.48 -9.00
N LEU B 266 28.54 -4.50 -10.03
CA LEU B 266 29.21 -5.73 -10.45
C LEU B 266 30.41 -6.11 -9.59
N ASN B 267 30.86 -5.27 -8.65
CA ASN B 267 32.19 -5.44 -8.05
C ASN B 267 32.16 -5.42 -6.53
N ALA B 268 31.27 -6.18 -5.91
CA ALA B 268 31.35 -6.39 -4.47
C ALA B 268 30.39 -7.47 -3.98
N THR B 269 30.95 -8.62 -3.56
CA THR B 269 30.20 -9.67 -2.86
C THR B 269 28.79 -9.87 -3.42
N ILE B 270 28.69 -10.40 -4.63
CA ILE B 270 27.42 -10.64 -5.28
C ILE B 270 27.43 -12.08 -5.77
N ASN B 271 26.60 -12.91 -5.16
CA ASN B 271 26.65 -14.35 -5.39
C ASN B 271 25.72 -14.83 -6.50
N PRO B 272 24.43 -14.43 -6.53
CA PRO B 272 23.58 -15.05 -7.55
C PRO B 272 23.50 -14.24 -8.84
N VAL B 278 16.30 -12.58 -8.43
CA VAL B 278 16.55 -11.64 -7.34
C VAL B 278 17.96 -11.80 -6.80
N THR B 279 18.74 -10.73 -6.91
CA THR B 279 20.12 -10.72 -6.46
C THR B 279 20.25 -9.86 -5.23
N GLN B 280 21.40 -9.99 -4.58
CA GLN B 280 21.71 -9.16 -3.43
C GLN B 280 23.18 -8.81 -3.50
N GLN B 281 23.47 -7.52 -3.34
CA GLN B 281 24.83 -7.04 -3.27
C GLN B 281 25.08 -6.56 -1.84
N ASN B 282 26.28 -6.80 -1.35
CA ASN B 282 26.71 -6.31 -0.05
C ASN B 282 28.07 -5.66 -0.23
N TYR B 283 28.23 -4.49 0.36
CA TYR B 283 29.40 -3.65 0.16
C TYR B 283 30.06 -3.46 1.51
N VAL B 284 31.26 -3.99 1.66
CA VAL B 284 32.01 -3.89 2.90
C VAL B 284 32.90 -2.65 2.81
N PHE B 285 32.95 -1.89 3.91
CA PHE B 285 33.72 -0.65 3.93
C PHE B 285 34.23 -0.41 5.34
N THR B 286 35.38 0.24 5.42
CA THR B 286 36.01 0.59 6.69
C THR B 286 35.97 2.10 6.84
N THR B 287 35.52 2.56 8.01
CA THR B 287 35.52 3.97 8.36
C THR B 287 36.70 4.23 9.30
N LYS B 288 37.56 5.17 8.94
CA LYS B 288 38.75 5.46 9.73
C LYS B 288 38.76 6.94 10.15
N ILE B 289 39.22 7.17 11.38
CA ILE B 289 39.48 8.52 11.89
C ILE B 289 40.77 9.06 11.28
N VAL B 290 40.75 10.32 10.85
CA VAL B 290 41.97 11.05 10.53
C VAL B 290 42.08 12.26 11.46
N ASP B 291 43.28 12.47 12.01
CA ASP B 291 43.55 13.61 12.90
C ASP B 291 43.84 14.86 12.08
N THR B 296 45.22 13.02 19.92
CA THR B 296 45.61 14.41 20.13
C THR B 296 44.38 15.32 20.04
N ILE B 297 43.39 14.90 19.26
CA ILE B 297 42.11 15.63 19.17
C ILE B 297 41.17 15.10 20.23
N PRO B 298 40.63 15.95 21.10
CA PRO B 298 39.88 15.47 22.27
C PRO B 298 38.56 14.84 21.88
N ALA B 299 37.94 14.21 22.90
CA ALA B 299 36.56 13.80 22.82
C ALA B 299 35.67 15.00 22.50
N GLY B 300 34.50 14.73 21.92
CA GLY B 300 33.98 13.41 21.61
C GLY B 300 32.64 13.58 20.93
N THR B 301 31.78 12.56 21.07
CA THR B 301 30.45 12.49 20.47
C THR B 301 30.26 13.36 19.21
N TYR B 302 31.00 13.05 18.16
CA TYR B 302 30.87 13.68 16.85
C TYR B 302 29.90 12.87 15.97
N GLN B 303 29.28 13.54 14.99
CA GLN B 303 28.37 12.87 14.06
C GLN B 303 28.46 13.47 12.66
N ASP B 304 28.13 12.65 11.66
CA ASP B 304 27.93 13.08 10.27
C ASP B 304 26.86 12.22 9.63
N THR B 305 26.30 12.72 8.53
CA THR B 305 25.35 11.97 7.71
C THR B 305 25.81 12.00 6.27
N VAL B 306 26.02 10.82 5.71
CA VAL B 306 26.57 10.67 4.37
C VAL B 306 25.45 10.24 3.44
N THR B 307 25.41 10.85 2.26
CA THR B 307 24.42 10.50 1.26
C THR B 307 24.89 9.33 0.42
N VAL B 308 24.06 8.30 0.35
CA VAL B 308 24.30 7.14 -0.49
C VAL B 308 23.43 7.33 -1.72
N GLN B 309 24.07 7.50 -2.86
CA GLN B 309 23.37 7.70 -4.12
C GLN B 309 23.41 6.38 -4.89
N VAL B 310 22.23 5.88 -5.22
CA VAL B 310 22.08 4.73 -6.07
C VAL B 310 21.56 5.24 -7.42
N GLU B 311 22.33 4.97 -8.47
CA GLU B 311 22.09 5.53 -9.78
C GLU B 311 21.84 4.41 -10.78
N PHE B 312 20.65 4.39 -11.36
CA PHE B 312 20.28 3.46 -12.45
C PHE B 312 20.29 4.15 -13.80
N ALA C 1 -15.78 8.24 -5.22
CA ALA C 1 -14.56 7.76 -4.57
C ALA C 1 -14.85 6.70 -3.51
N THR C 2 -14.20 5.54 -3.63
CA THR C 2 -14.35 4.44 -2.69
C THR C 2 -13.22 4.49 -1.65
N PHE C 3 -13.58 4.76 -0.41
CA PHE C 3 -12.67 4.92 0.71
C PHE C 3 -12.63 3.66 1.56
N LEU C 4 -11.45 3.33 2.06
CA LEU C 4 -11.25 2.28 3.05
C LEU C 4 -10.65 2.98 4.26
N ILE C 5 -11.39 3.00 5.36
CA ILE C 5 -10.98 3.69 6.57
C ILE C 5 -11.16 2.75 7.76
N TRP C 6 -10.08 2.51 8.49
CA TRP C 6 -10.06 1.62 9.63
C TRP C 6 -8.96 2.08 10.57
N PRO C 7 -9.07 1.78 11.88
CA PRO C 7 -10.27 1.15 12.46
C PRO C 7 -11.38 2.15 12.74
N ILE C 8 -12.63 1.69 12.72
CA ILE C 8 -13.74 2.59 13.01
C ILE C 8 -14.05 2.68 14.51
N TYR C 9 -13.33 1.94 15.36
CA TYR C 9 -13.39 2.12 16.82
C TYR C 9 -11.97 2.33 17.33
N PRO C 10 -11.33 3.45 16.98
CA PRO C 10 -9.97 3.68 17.46
C PRO C 10 -10.00 4.05 18.95
N LYS C 11 -8.84 3.92 19.58
CA LYS C 11 -8.72 4.24 20.99
C LYS C 11 -7.27 4.55 21.32
N ILE C 12 -7.05 5.35 22.37
CA ILE C 12 -5.70 5.67 22.83
C ILE C 12 -5.56 5.19 24.26
N GLU C 13 -4.75 4.16 24.45
CA GLU C 13 -4.57 3.59 25.77
C GLU C 13 -3.80 4.57 26.67
N ALA C 14 -3.80 4.24 27.98
CA ALA C 14 -3.22 5.13 28.97
C ALA C 14 -1.73 5.34 28.75
N ASN C 15 -1.04 4.30 28.28
CA ASN C 15 0.40 4.33 28.03
C ASN C 15 0.75 4.68 26.58
N GLU C 16 -0.20 5.11 25.77
CA GLU C 16 0.04 5.53 24.40
C GLU C 16 -0.14 7.04 24.27
N LYS C 17 0.82 7.70 23.61
CA LYS C 17 0.70 9.13 23.33
C LYS C 17 -0.14 9.42 22.09
N ALA C 18 -0.36 8.44 21.23
CA ALA C 18 -1.13 8.68 20.02
C ALA C 18 -1.61 7.34 19.45
N THR C 19 -2.58 7.42 18.55
CA THR C 19 -3.03 6.26 17.79
C THR C 19 -3.20 6.68 16.33
N ALA C 20 -3.41 5.70 15.46
CA ALA C 20 -3.49 5.96 14.04
C ALA C 20 -4.81 5.44 13.47
N VAL C 21 -5.33 6.17 12.48
CA VAL C 21 -6.45 5.72 11.66
C VAL C 21 -6.00 5.80 10.21
N TRP C 22 -6.28 4.74 9.45
CA TRP C 22 -5.84 4.66 8.06
C TRP C 22 -6.92 5.13 7.08
N LEU C 23 -6.48 5.91 6.08
CA LEU C 23 -7.29 6.31 4.93
C LEU C 23 -6.63 5.81 3.65
N GLN C 24 -7.36 4.99 2.91
CA GLN C 24 -6.84 4.36 1.71
C GLN C 24 -7.85 4.58 0.60
N ASN C 25 -7.38 5.11 -0.51
CA ASN C 25 -8.20 5.32 -1.69
C ASN C 25 -8.06 4.09 -2.57
N THR C 26 -9.14 3.32 -2.67
CA THR C 26 -9.20 2.15 -3.53
C THR C 26 -9.82 2.45 -4.89
N GLY C 27 -10.30 3.68 -5.10
CA GLY C 27 -10.90 4.07 -6.35
C GLY C 27 -9.86 4.49 -7.37
N LYS C 28 -10.35 5.03 -8.47
CA LYS C 28 -9.49 5.56 -9.51
C LYS C 28 -9.49 7.08 -9.55
N THR C 29 -10.26 7.72 -8.68
CA THR C 29 -10.34 9.17 -8.63
C THR C 29 -9.76 9.69 -7.32
N ASP C 30 -9.12 10.85 -7.38
CA ASP C 30 -8.59 11.50 -6.21
C ASP C 30 -9.72 12.08 -5.37
N ALA C 31 -9.43 12.28 -4.09
CA ALA C 31 -10.37 12.88 -3.16
C ALA C 31 -9.63 13.72 -2.11
N MET C 32 -10.30 14.73 -1.60
CA MET C 32 -9.83 15.53 -0.48
C MET C 32 -10.61 15.17 0.78
N VAL C 33 -9.90 15.11 1.91
CA VAL C 33 -10.49 14.79 3.20
C VAL C 33 -10.13 15.90 4.18
N GLN C 34 -11.10 16.34 4.95
CA GLN C 34 -10.91 17.19 6.10
C GLN C 34 -11.15 16.36 7.36
N ILE C 35 -10.28 16.51 8.35
CA ILE C 35 -10.29 15.67 9.56
C ILE C 35 -10.41 16.57 10.77
N ARG C 36 -11.46 16.37 11.57
CA ARG C 36 -11.65 17.11 12.81
C ARG C 36 -12.01 16.16 13.95
N VAL C 37 -11.63 16.55 15.16
CA VAL C 37 -11.89 15.76 16.36
C VAL C 37 -12.65 16.61 17.36
N PHE C 38 -13.82 16.14 17.76
CA PHE C 38 -14.66 16.86 18.70
C PHE C 38 -14.83 16.07 19.99
N LYS C 39 -14.95 16.80 21.09
CA LYS C 39 -15.26 16.21 22.39
C LYS C 39 -16.74 15.90 22.48
N TRP C 40 -17.05 14.74 23.05
CA TRP C 40 -18.38 14.14 23.05
C TRP C 40 -18.85 13.94 24.48
N ASN C 41 -20.01 14.51 24.82
CA ASN C 41 -20.61 14.34 26.13
C ASN C 41 -22.12 14.15 26.00
N GLN C 42 -22.72 13.58 27.04
CA GLN C 42 -24.17 13.33 27.13
C GLN C 42 -24.72 14.08 28.34
N ASP C 43 -24.68 15.42 28.29
CA ASP C 43 -25.14 16.19 29.44
C ASP C 43 -26.66 16.34 29.47
N GLY C 44 -27.24 17.00 28.48
CA GLY C 44 -28.66 17.29 28.48
C GLY C 44 -29.55 16.11 28.10
N LEU C 45 -29.08 14.89 28.38
CA LEU C 45 -29.72 13.65 27.97
C LEU C 45 -29.69 13.49 26.44
N LYS C 46 -28.68 14.08 25.81
CA LYS C 46 -28.48 14.00 24.38
C LYS C 46 -27.00 14.20 24.08
N ASP C 47 -26.59 13.81 22.89
CA ASP C 47 -25.20 13.94 22.49
C ASP C 47 -24.86 15.39 22.16
N ASN C 48 -23.81 15.90 22.79
CA ASN C 48 -23.27 17.23 22.53
C ASN C 48 -21.84 17.08 22.04
N TYR C 49 -21.45 17.99 21.14
CA TYR C 49 -20.12 17.99 20.55
C TYR C 49 -19.54 19.40 20.60
N SER C 50 -18.24 19.49 20.89
CA SER C 50 -17.60 20.78 21.09
C SER C 50 -16.15 20.75 20.60
N GLU C 51 -15.64 21.94 20.28
CA GLU C 51 -14.23 22.07 19.90
C GLU C 51 -13.33 21.71 21.06
N GLN C 52 -12.12 21.23 20.73
CA GLN C 52 -11.20 20.69 21.71
C GLN C 52 -9.81 20.67 21.13
N SER C 53 -8.81 20.84 22.01
CA SER C 53 -7.40 20.75 21.65
C SER C 53 -6.69 19.61 22.37
N GLU C 54 -7.45 18.73 23.02
CA GLU C 54 -6.83 17.63 23.76
C GLU C 54 -6.30 16.54 22.83
N ILE C 55 -7.03 16.25 21.76
CA ILE C 55 -6.57 15.33 20.72
C ILE C 55 -6.47 16.09 19.41
N ILE C 56 -5.25 16.19 18.89
CA ILE C 56 -4.94 16.98 17.70
C ILE C 56 -4.75 16.03 16.53
N PRO C 57 -5.58 16.11 15.49
CA PRO C 57 -5.37 15.26 14.31
C PRO C 57 -4.32 15.82 13.36
N SER C 58 -3.53 14.91 12.79
CA SER C 58 -2.51 15.25 11.81
C SER C 58 -2.63 14.28 10.64
N PRO C 59 -2.82 14.77 9.40
CA PRO C 59 -3.05 16.18 9.07
C PRO C 59 -4.53 16.53 9.17
N PRO C 60 -4.84 17.82 9.32
CA PRO C 60 -6.25 18.22 9.35
C PRO C 60 -6.93 18.20 7.99
N VAL C 61 -6.16 18.31 6.92
CA VAL C 61 -6.67 18.19 5.57
C VAL C 61 -5.59 17.53 4.72
N ALA C 62 -6.00 16.60 3.87
CA ALA C 62 -5.08 15.89 2.99
C ALA C 62 -5.79 15.53 1.70
N LYS C 63 -5.02 15.41 0.63
CA LYS C 63 -5.51 14.88 -0.63
C LYS C 63 -5.12 13.42 -0.72
N ILE C 64 -6.12 12.55 -0.86
CA ILE C 64 -5.92 11.11 -0.93
C ILE C 64 -6.10 10.72 -2.39
N LYS C 65 -4.99 10.56 -3.10
CA LYS C 65 -5.09 10.21 -4.50
C LYS C 65 -5.36 8.71 -4.67
N ALA C 66 -5.73 8.35 -5.89
CA ALA C 66 -6.03 6.97 -6.22
C ALA C 66 -4.85 6.07 -5.87
N GLY C 67 -5.10 5.05 -5.07
CA GLY C 67 -4.05 4.11 -4.68
C GLY C 67 -3.21 4.52 -3.49
N GLU C 68 -3.47 5.66 -2.87
CA GLU C 68 -2.67 6.14 -1.75
C GLU C 68 -3.19 5.59 -0.44
N LYS C 69 -2.28 5.50 0.54
CA LYS C 69 -2.58 5.08 1.90
C LYS C 69 -1.91 6.07 2.84
N HIS C 70 -2.73 6.87 3.53
CA HIS C 70 -2.24 7.89 4.45
C HIS C 70 -2.60 7.51 5.89
N MET C 71 -1.75 7.92 6.83
CA MET C 71 -2.00 7.83 8.27
C MET C 71 -2.72 9.06 8.77
N LEU C 72 -3.75 8.86 9.59
CA LEU C 72 -4.32 9.91 10.41
C LEU C 72 -3.80 9.67 11.83
N ARG C 73 -2.86 10.49 12.25
CA ARG C 73 -2.30 10.41 13.59
C ARG C 73 -3.18 11.24 14.53
N LEU C 74 -3.62 10.61 15.62
CA LEU C 74 -4.42 11.24 16.67
C LEU C 74 -3.56 11.31 17.93
N THR C 75 -3.14 12.51 18.28
CA THR C 75 -2.12 12.71 19.30
C THR C 75 -2.71 13.41 20.51
N LYS C 76 -2.40 12.88 21.70
CA LYS C 76 -2.83 13.49 22.96
C LYS C 76 -2.00 14.74 23.23
N SER C 77 -2.68 15.87 23.33
CA SER C 77 -1.99 17.13 23.64
C SER C 77 -1.66 17.25 25.11
N VAL C 78 -2.47 16.63 25.95
CA VAL C 78 -2.33 16.66 27.40
C VAL C 78 -2.64 15.26 27.92
N ASN C 79 -2.33 15.03 29.18
CA ASN C 79 -2.67 13.80 29.85
C ASN C 79 -4.08 13.87 30.43
N LEU C 80 -4.77 12.73 30.43
CA LEU C 80 -6.13 12.68 30.95
C LEU C 80 -6.12 12.40 32.44
N PRO C 81 -7.19 12.80 33.15
CA PRO C 81 -7.27 12.47 34.58
C PRO C 81 -7.32 10.96 34.79
N ASP C 82 -6.75 10.52 35.90
CA ASP C 82 -6.67 9.11 36.21
C ASP C 82 -8.05 8.49 36.32
N GLY C 83 -8.18 7.27 35.81
CA GLY C 83 -9.44 6.56 35.87
C GLY C 83 -10.55 7.14 35.03
N LYS C 84 -10.20 7.75 33.90
CA LYS C 84 -11.16 8.45 33.06
C LYS C 84 -11.12 7.88 31.64
N GLU C 85 -12.29 7.48 31.14
CA GLU C 85 -12.49 7.22 29.73
C GLU C 85 -13.06 8.50 29.10
N GLN C 86 -12.25 9.17 28.29
CA GLN C 86 -12.65 10.39 27.61
C GLN C 86 -13.21 10.06 26.23
N SER C 87 -14.35 10.65 25.90
CA SER C 87 -15.05 10.35 24.66
C SER C 87 -14.87 11.47 23.64
N TYR C 88 -14.73 11.08 22.37
CA TYR C 88 -14.55 12.02 21.27
C TYR C 88 -15.26 11.50 20.05
N ARG C 89 -15.49 12.41 19.11
CA ARG C 89 -15.97 12.06 17.78
C ARG C 89 -14.95 12.52 16.75
N LEU C 90 -14.44 11.56 15.99
CA LEU C 90 -13.59 11.82 14.85
C LEU C 90 -14.48 12.04 13.64
N ILE C 91 -14.28 13.16 12.95
CA ILE C 91 -15.08 13.54 11.79
C ILE C 91 -14.17 13.65 10.58
N VAL C 92 -14.40 12.79 9.60
CA VAL C 92 -13.65 12.78 8.34
C VAL C 92 -14.64 13.09 7.22
N ASP C 93 -14.38 14.17 6.49
CA ASP C 93 -15.27 14.65 5.44
C ASP C 93 -14.76 14.33 4.04
N GLU C 94 -15.68 14.43 3.08
CA GLU C 94 -15.46 14.24 1.64
C GLU C 94 -14.73 12.94 1.31
N PRO C 96 -14.25 13.76 -3.15
CA PRO C 96 -14.41 12.99 -4.39
C PRO C 96 -14.47 13.88 -5.62
N ALA C 107 -27.74 16.70 -17.80
CA ALA C 107 -26.52 17.29 -17.26
C ALA C 107 -26.74 17.71 -15.80
N SER C 108 -28.00 17.75 -15.39
CA SER C 108 -28.36 18.11 -14.02
C SER C 108 -28.25 16.88 -13.11
N LYS C 109 -27.54 17.04 -12.00
CA LYS C 109 -27.22 15.88 -11.17
C LYS C 109 -27.18 16.27 -9.70
N VAL C 110 -27.30 15.25 -8.86
CA VAL C 110 -27.02 15.36 -7.43
C VAL C 110 -25.91 14.38 -7.12
N SER C 111 -24.80 14.90 -6.62
CA SER C 111 -23.66 14.10 -6.23
C SER C 111 -23.66 13.93 -4.71
N PHE C 112 -22.87 12.95 -4.26
CA PHE C 112 -22.78 12.61 -2.85
C PHE C 112 -21.34 12.66 -2.41
N GLN C 113 -21.11 13.26 -1.24
CA GLN C 113 -19.81 13.19 -0.58
C GLN C 113 -19.97 12.51 0.76
N MET C 114 -18.89 11.87 1.22
CA MET C 114 -18.95 11.07 2.44
C MET C 114 -18.58 11.89 3.66
N ARG C 115 -19.16 11.49 4.78
CA ARG C 115 -18.81 11.98 6.11
C ARG C 115 -18.83 10.79 7.05
N TYR C 116 -17.71 10.54 7.70
CA TYR C 116 -17.60 9.43 8.65
C TYR C 116 -17.61 10.01 10.06
N SER C 117 -18.60 9.61 10.87
CA SER C 117 -18.66 9.96 12.29
C SER C 117 -18.19 8.75 13.08
N ILE C 118 -17.01 8.88 13.69
CA ILE C 118 -16.27 7.74 14.22
C ILE C 118 -16.03 7.96 15.71
N PRO C 119 -16.37 7.00 16.56
CA PRO C 119 -16.12 7.17 17.99
C PRO C 119 -14.65 7.00 18.32
N LEU C 120 -14.17 7.85 19.22
CA LEU C 120 -12.78 7.81 19.66
C LEU C 120 -12.72 7.94 21.19
N PHE C 121 -12.00 7.03 21.83
CA PHE C 121 -11.87 7.01 23.28
C PHE C 121 -10.41 7.08 23.69
N ALA C 122 -10.13 7.89 24.71
CA ALA C 122 -8.79 7.98 25.27
C ALA C 122 -8.87 7.71 26.77
N TYR C 123 -7.83 7.10 27.30
CA TYR C 123 -7.85 6.53 28.64
C TYR C 123 -6.77 7.14 29.51
N GLY C 124 -7.14 7.54 30.72
CA GLY C 124 -6.18 7.85 31.74
C GLY C 124 -5.64 6.58 32.37
N LYS C 125 -4.70 6.76 33.29
CA LYS C 125 -4.01 5.61 33.86
C LYS C 125 -4.94 4.78 34.72
N GLY C 126 -4.75 3.46 34.65
CA GLY C 126 -5.54 2.54 35.45
C GLY C 126 -6.83 2.09 34.81
N ILE C 127 -7.06 2.41 33.53
CA ILE C 127 -8.28 2.01 32.85
C ILE C 127 -7.95 1.87 31.37
N GLY C 128 -8.64 0.93 30.71
CA GLY C 128 -8.32 0.56 29.34
C GLY C 128 -9.57 0.38 28.50
N SER C 129 -9.33 -0.01 27.23
CA SER C 129 -10.38 0.00 26.19
C SER C 129 -11.47 -1.06 26.39
N GLY C 130 -11.16 -2.26 26.90
CA GLY C 130 -9.87 -2.88 27.09
C GLY C 130 -9.83 -4.08 26.16
N LEU C 131 -9.55 -3.81 24.89
CA LEU C 131 -9.47 -4.80 23.83
C LEU C 131 -8.08 -5.40 23.68
N THR C 132 -7.11 -4.97 24.48
CA THR C 132 -5.78 -5.55 24.44
C THR C 132 -5.49 -6.30 25.74
N GLU C 133 -4.54 -7.23 25.65
CA GLU C 133 -4.13 -8.01 26.81
C GLU C 133 -3.69 -7.08 27.94
N GLU C 134 -2.86 -6.09 27.62
CA GLU C 134 -2.35 -5.17 28.65
C GLU C 134 -3.48 -4.39 29.31
N SER C 135 -4.41 -3.87 28.53
CA SER C 135 -5.51 -3.10 29.09
C SER C 135 -6.53 -3.98 29.80
N GLN C 136 -6.66 -5.25 29.38
CA GLN C 136 -7.52 -6.18 30.12
C GLN C 136 -6.99 -6.44 31.52
N LYS C 137 -5.66 -6.60 31.64
CA LYS C 137 -5.05 -6.69 32.97
C LYS C 137 -5.33 -5.44 33.78
N LEU C 138 -5.29 -4.28 33.11
CA LEU C 138 -5.55 -3.00 33.79
C LEU C 138 -6.97 -2.93 34.33
N ASN C 139 -7.96 -3.31 33.53
CA ASN C 139 -9.35 -3.22 33.95
C ASN C 139 -9.74 -4.30 34.97
N ALA C 140 -9.00 -5.40 35.04
CA ALA C 140 -9.30 -6.41 36.06
C ALA C 140 -9.07 -5.85 37.44
N LYS C 141 -8.17 -4.87 37.58
CA LYS C 141 -7.89 -4.22 38.84
C LYS C 141 -8.81 -3.03 39.11
N ASN C 142 -9.83 -2.82 38.27
CA ASN C 142 -10.76 -1.71 38.41
C ASN C 142 -12.18 -2.22 38.38
N ALA C 143 -12.93 -1.97 39.45
CA ALA C 143 -14.29 -2.48 39.56
C ALA C 143 -15.22 -1.82 38.56
N LEU C 144 -15.09 -0.51 38.39
CA LEU C 144 -16.02 0.26 37.56
C LEU C 144 -15.58 0.41 36.11
N ALA C 145 -14.61 -0.37 35.64
CA ALA C 145 -14.18 -0.31 34.24
C ALA C 145 -15.12 -1.15 33.37
N LYS C 146 -16.39 -0.78 33.45
CA LYS C 146 -17.46 -1.43 32.70
C LYS C 146 -18.68 -0.53 32.76
N PRO C 147 -19.63 -0.70 31.86
CA PRO C 147 -20.89 0.02 31.99
C PRO C 147 -21.78 -0.60 33.06
N VAL C 148 -22.42 0.26 33.85
CA VAL C 148 -23.39 -0.14 34.86
C VAL C 148 -24.66 0.66 34.58
N LEU C 149 -25.67 -0.01 34.05
CA LEU C 149 -26.81 0.64 33.40
C LEU C 149 -28.09 0.51 34.21
N GLN C 150 -28.85 1.61 34.28
CA GLN C 150 -30.17 1.65 34.88
C GLN C 150 -31.14 2.32 33.91
N TRP C 151 -32.42 1.99 34.05
CA TRP C 151 -33.47 2.48 33.18
C TRP C 151 -34.53 3.23 33.97
N SER C 152 -35.33 4.01 33.25
CA SER C 152 -36.39 4.84 33.78
C SER C 152 -37.25 5.34 32.61
N VAL C 153 -38.54 5.50 32.86
CA VAL C 153 -39.49 5.94 31.84
C VAL C 153 -40.25 7.16 32.34
N ARG C 154 -40.06 8.29 31.67
CA ARG C 154 -40.76 9.54 31.92
C ARG C 154 -41.25 10.11 30.60
N ASN C 155 -42.50 10.59 30.60
CA ASN C 155 -43.21 10.92 29.38
C ASN C 155 -43.48 12.42 29.28
N ASN C 156 -43.75 12.85 28.05
CA ASN C 156 -44.14 14.22 27.78
C ASN C 156 -44.74 14.33 26.38
N GLU C 162 -40.58 8.62 27.22
CA GLU C 162 -39.22 8.48 26.71
C GLU C 162 -38.34 7.74 27.72
N LEU C 163 -37.57 6.77 27.21
CA LEU C 163 -36.75 5.90 28.05
C LEU C 163 -35.43 6.56 28.42
N TYR C 164 -35.09 6.50 29.72
CA TYR C 164 -33.85 7.04 30.26
C TYR C 164 -32.90 5.90 30.61
N LEU C 165 -31.65 6.03 30.17
CA LEU C 165 -30.59 5.09 30.51
C LEU C 165 -29.44 5.85 31.16
N LYS C 166 -29.00 5.39 32.32
CA LYS C 166 -27.91 6.03 33.05
C LYS C 166 -26.77 5.04 33.25
N ASN C 167 -25.56 5.53 33.06
CA ASN C 167 -24.35 4.74 33.28
C ASN C 167 -23.62 5.28 34.49
N ASN C 168 -23.44 4.43 35.49
CA ASN C 168 -22.66 4.77 36.66
C ASN C 168 -21.23 4.27 36.54
N GLY C 169 -20.93 3.50 35.49
CA GLY C 169 -19.60 2.97 35.30
C GLY C 169 -18.68 3.94 34.59
N GLN C 170 -17.41 3.59 34.61
CA GLN C 170 -16.37 4.42 34.02
C GLN C 170 -16.17 4.14 32.55
N LYS C 171 -16.94 3.20 31.97
CA LYS C 171 -16.83 2.90 30.56
C LYS C 171 -18.19 2.96 29.88
N PHE C 172 -18.16 3.29 28.59
CA PHE C 172 -19.35 3.48 27.80
C PHE C 172 -20.04 2.16 27.53
N ALA C 173 -21.31 2.24 27.15
CA ALA C 173 -22.08 1.11 26.66
C ALA C 173 -22.49 1.39 25.22
N ARG C 174 -22.28 0.41 24.35
CA ARG C 174 -22.81 0.45 22.98
C ARG C 174 -23.91 -0.60 22.94
N LEU C 175 -25.16 -0.15 23.07
CA LEU C 175 -26.31 -1.03 23.12
C LEU C 175 -26.98 -1.13 21.77
N SER C 176 -27.38 -2.34 21.39
CA SER C 176 -28.02 -2.59 20.10
C SER C 176 -29.47 -3.02 20.25
N ALA C 177 -29.75 -4.20 20.81
CA ALA C 177 -31.11 -4.72 20.88
C ALA C 177 -31.53 -4.97 22.33
N LEU C 178 -32.76 -4.59 22.65
CA LEU C 178 -33.32 -4.78 23.99
C LEU C 178 -34.49 -5.77 23.99
N LYS C 191 -35.58 0.05 14.45
CA LYS C 191 -35.17 1.36 13.93
C LYS C 191 -34.06 1.96 14.78
N ALA C 192 -33.55 1.18 15.73
CA ALA C 192 -32.47 1.60 16.61
C ALA C 192 -31.29 0.66 16.36
N ALA C 193 -30.36 1.07 15.51
CA ALA C 193 -29.21 0.24 15.21
C ALA C 193 -28.29 0.16 16.43
N PHE C 194 -28.00 1.30 17.05
CA PHE C 194 -27.22 1.31 18.26
C PHE C 194 -27.65 2.51 19.09
N GLY C 195 -27.19 2.52 20.33
CA GLY C 195 -27.30 3.66 21.21
C GLY C 195 -26.12 3.68 22.15
N TYR C 196 -25.52 4.84 22.33
CA TYR C 196 -24.38 5.01 23.21
C TYR C 196 -24.86 5.61 24.52
N VAL C 197 -24.48 4.99 25.62
CA VAL C 197 -24.59 5.59 26.93
C VAL C 197 -23.16 5.77 27.43
N LEU C 198 -22.70 7.01 27.41
CA LEU C 198 -21.34 7.30 27.83
C LEU C 198 -21.21 7.09 29.34
N SER C 199 -19.96 6.93 29.76
CA SER C 199 -19.66 6.80 31.17
C SER C 199 -20.18 7.99 31.96
N ASN C 200 -20.72 7.71 33.15
CA ASN C 200 -21.17 8.73 34.08
C ASN C 200 -22.13 9.71 33.38
N SER C 201 -23.07 9.16 32.64
CA SER C 201 -23.95 9.95 31.79
C SER C 201 -25.35 9.35 31.77
N THR C 202 -26.30 10.15 31.30
CA THR C 202 -27.70 9.75 31.15
C THR C 202 -28.20 10.25 29.79
N VAL C 203 -28.97 9.39 29.10
CA VAL C 203 -29.50 9.71 27.78
C VAL C 203 -30.99 9.38 27.70
N LYS C 204 -31.60 9.87 26.63
CA LYS C 204 -33.03 9.75 26.36
C LYS C 204 -33.26 9.10 25.00
N PHE C 205 -34.39 8.42 24.87
CA PHE C 205 -34.75 7.72 23.64
C PHE C 205 -36.18 8.12 23.26
N ALA C 206 -36.81 7.35 22.37
CA ALA C 206 -38.05 7.76 21.74
C ALA C 206 -39.28 7.11 22.36
N ILE C 207 -39.33 5.78 22.40
CA ILE C 207 -40.45 4.94 22.84
C ILE C 207 -41.76 5.28 22.13
N ASP C 208 -42.49 4.24 21.71
CA ASP C 208 -43.78 4.41 21.05
C ASP C 208 -44.91 4.27 22.05
N LYS C 220 -34.04 -14.91 25.84
CA LYS C 220 -34.35 -13.56 25.39
C LYS C 220 -34.28 -12.57 26.54
N GLY C 223 -30.19 -6.07 27.48
CA GLY C 223 -29.47 -5.50 26.35
C GLY C 223 -28.18 -6.21 26.02
N VAL C 224 -27.60 -5.87 24.87
CA VAL C 224 -26.33 -6.44 24.42
C VAL C 224 -25.38 -5.29 24.13
N ASP C 225 -24.19 -5.36 24.71
CA ASP C 225 -23.19 -4.30 24.60
C ASP C 225 -22.01 -4.77 23.75
N SER C 226 -21.63 -3.94 22.77
CA SER C 226 -20.49 -4.20 21.89
C SER C 226 -19.29 -3.30 22.20
N SER C 227 -19.27 -2.69 23.39
CA SER C 227 -18.16 -1.81 23.77
C SER C 227 -16.86 -2.58 23.91
N GLY C 228 -16.93 -3.78 24.47
CA GLY C 228 -15.78 -4.63 24.66
C GLY C 228 -15.68 -5.69 23.58
N ILE C 229 -15.00 -6.78 23.90
CA ILE C 229 -14.84 -7.88 22.97
C ILE C 229 -16.09 -8.76 22.96
N GLN C 231 -19.27 -9.05 22.54
CA GLN C 231 -20.72 -9.17 22.62
C GLN C 231 -21.11 -9.73 23.97
N GLU C 232 -21.53 -8.87 24.88
CA GLU C 232 -21.91 -9.25 26.23
C GLU C 232 -23.38 -8.96 26.45
N LEU C 233 -24.09 -9.92 27.03
CA LEU C 233 -25.45 -9.69 27.50
C LEU C 233 -25.39 -8.92 28.81
N ILE C 234 -25.95 -7.73 28.82
CA ILE C 234 -25.82 -6.78 29.94
C ILE C 234 -27.18 -6.61 30.60
N GLU C 235 -27.18 -6.50 31.93
CA GLU C 235 -28.38 -6.35 32.72
C GLU C 235 -28.58 -4.88 33.08
N ILE C 236 -29.82 -4.40 32.95
CA ILE C 236 -30.16 -3.01 33.19
C ILE C 236 -31.33 -2.96 34.16
N THR C 237 -31.11 -2.36 35.33
CA THR C 237 -32.03 -2.32 36.44
C THR C 237 -32.83 -1.02 36.47
N LYS C 238 -33.94 -1.03 37.22
CA LYS C 238 -34.82 0.14 37.28
C LYS C 238 -34.30 1.18 38.27
N MET C 239 -34.42 2.45 37.91
CA MET C 239 -34.04 3.55 38.78
C MET C 239 -35.04 3.73 39.91
N ALA D 1 24.23 -7.80 22.75
CA ALA D 1 24.39 -9.26 22.73
C ALA D 1 23.17 -9.89 22.05
N CYS D 2 23.08 -11.22 22.08
CA CYS D 2 21.92 -11.93 21.56
C CYS D 2 21.11 -12.48 22.73
N SER D 3 19.79 -12.29 22.68
CA SER D 3 18.90 -12.73 23.74
C SER D 3 17.70 -13.46 23.17
N VAL D 4 17.12 -14.31 24.00
CA VAL D 4 16.00 -15.16 23.63
C VAL D 4 14.82 -14.85 24.54
N SER D 5 13.65 -14.70 23.92
CA SER D 5 12.44 -14.22 24.60
C SER D 5 11.69 -15.41 25.22
N ALA D 6 11.61 -15.42 26.55
CA ALA D 6 10.94 -16.51 27.26
C ALA D 6 9.43 -16.36 27.29
N SER D 7 8.91 -15.18 26.99
CA SER D 7 7.47 -14.92 27.01
C SER D 7 7.16 -13.77 26.05
N GLY D 8 5.91 -13.33 26.04
CA GLY D 8 5.52 -12.19 25.22
C GLY D 8 4.44 -12.45 24.18
N THR D 9 3.77 -11.40 23.73
CA THR D 9 2.68 -11.52 22.76
C THR D 9 2.93 -10.61 21.57
N SER D 10 2.81 -11.16 20.38
CA SER D 10 2.84 -10.40 19.14
C SER D 10 1.43 -10.42 18.55
N SER D 11 0.83 -9.23 18.41
CA SER D 11 -0.48 -9.12 17.80
C SER D 11 -0.38 -8.39 16.47
N ILE D 12 -1.35 -8.66 15.61
CA ILE D 12 -1.52 -7.95 14.35
C ILE D 12 -3.01 -7.70 14.16
N SER D 13 -3.33 -6.63 13.43
CA SER D 13 -4.72 -6.23 13.24
C SER D 13 -5.01 -5.99 11.76
N VAL D 14 -6.15 -6.48 11.30
CA VAL D 14 -6.54 -6.35 9.89
C VAL D 14 -8.04 -6.14 9.80
N PRO D 15 -8.51 -5.23 8.94
CA PRO D 15 -9.95 -5.06 8.74
C PRO D 15 -10.54 -6.27 8.04
N SER D 16 -11.81 -6.54 8.35
CA SER D 16 -12.43 -7.82 7.99
C SER D 16 -12.56 -7.96 6.48
N ILE D 17 -13.03 -6.92 5.79
CA ILE D 17 -13.28 -7.01 4.36
C ILE D 17 -11.98 -7.13 3.58
N TYR D 18 -10.97 -6.35 3.97
CA TYR D 18 -9.66 -6.45 3.34
C TYR D 18 -9.12 -7.86 3.49
N LEU D 19 -9.26 -8.45 4.68
CA LEU D 19 -8.84 -9.82 4.92
C LEU D 19 -9.47 -10.80 3.94
N MET D 20 -10.73 -10.56 3.54
CA MET D 20 -11.42 -11.50 2.68
C MET D 20 -10.99 -11.36 1.22
N GLU D 21 -10.86 -10.13 0.74
CA GLU D 21 -10.53 -9.86 -0.64
C GLU D 21 -9.03 -9.94 -0.91
N ASN D 22 -8.24 -9.32 -0.04
CA ASN D 22 -6.80 -9.23 -0.24
C ASN D 22 -6.02 -10.14 0.68
N GLY D 23 -6.69 -10.78 1.64
CA GLY D 23 -5.96 -11.51 2.66
C GLY D 23 -5.05 -10.58 3.42
N GLU D 24 -3.89 -11.08 3.78
CA GLU D 24 -2.85 -10.28 4.41
C GLU D 24 -1.56 -11.06 4.29
N ASN D 25 -0.54 -10.44 3.72
CA ASN D 25 0.74 -11.08 3.51
C ASN D 25 1.82 -10.27 4.21
N SER D 26 2.82 -10.97 4.75
CA SER D 26 3.99 -10.35 5.34
C SER D 26 3.61 -9.36 6.44
N SER D 27 3.11 -9.92 7.55
CA SER D 27 2.95 -9.16 8.79
C SER D 27 4.09 -9.55 9.71
N GLN D 28 5.05 -8.63 9.87
CA GLN D 28 6.29 -8.91 10.57
C GLN D 28 6.06 -8.96 12.08
N PHE D 29 6.54 -10.03 12.70
CA PHE D 29 6.48 -10.16 14.15
C PHE D 29 7.81 -10.71 14.66
N ASN D 30 8.04 -10.53 15.95
CA ASN D 30 9.29 -10.97 16.59
C ASN D 30 9.29 -12.47 16.79
N SER D 31 10.34 -13.13 16.30
CA SER D 31 10.39 -14.58 16.28
C SER D 31 10.69 -15.16 17.67
N GLY D 32 11.39 -14.40 18.51
CA GLY D 32 11.90 -14.86 19.78
C GLY D 32 13.39 -14.65 19.94
N LEU D 33 14.12 -14.61 18.83
CA LEU D 33 15.54 -14.29 18.84
C LEU D 33 15.74 -12.80 18.56
N SER D 34 16.75 -12.23 19.18
CA SER D 34 17.14 -10.84 18.99
C SER D 34 18.63 -10.71 19.26
N CYS D 35 19.29 -9.85 18.49
CA CYS D 35 20.74 -9.63 18.61
C CYS D 35 21.04 -8.15 18.40
N THR D 36 21.70 -7.54 19.39
CA THR D 36 22.25 -6.20 19.31
C THR D 36 23.77 -6.26 19.49
N GLY D 37 24.46 -5.32 18.87
CA GLY D 37 25.92 -5.34 18.88
C GLY D 37 26.56 -6.35 17.95
N PHE D 38 25.81 -6.88 16.98
CA PHE D 38 26.41 -7.81 16.03
C PHE D 38 27.28 -7.04 15.03
N SER D 39 28.40 -7.66 14.64
CA SER D 39 29.26 -7.08 13.61
C SER D 39 28.58 -7.07 12.26
N LEU D 40 28.69 -5.93 11.58
CA LEU D 40 28.31 -5.81 10.18
C LEU D 40 29.49 -5.91 9.26
N ALA D 41 30.61 -6.46 9.73
CA ALA D 41 31.81 -6.52 8.90
C ALA D 41 31.67 -7.57 7.80
N LEU D 42 30.84 -8.59 8.03
CA LEU D 42 30.63 -9.73 7.14
C LEU D 42 31.88 -10.58 6.99
N ALA D 43 32.87 -10.39 7.88
CA ALA D 43 34.12 -11.13 7.78
C ALA D 43 34.03 -12.51 8.40
N ASN D 44 33.05 -12.74 9.27
CA ASN D 44 32.94 -13.99 9.98
C ASN D 44 31.51 -14.49 9.85
N MET D 45 31.40 -15.78 9.56
CA MET D 45 30.11 -16.42 9.34
C MET D 45 29.19 -16.20 10.54
N THR D 46 27.93 -15.91 10.25
CA THR D 46 26.91 -15.92 11.28
C THR D 46 26.22 -17.28 11.23
N TYR D 47 26.49 -18.12 12.22
CA TYR D 47 25.83 -19.42 12.28
C TYR D 47 24.50 -19.26 12.99
N LEU D 48 23.45 -19.83 12.38
CA LEU D 48 22.12 -19.81 12.97
C LEU D 48 21.29 -20.90 12.31
N LYS D 49 20.82 -21.85 13.11
CA LYS D 49 19.77 -22.76 12.73
C LYS D 49 18.72 -22.77 13.85
N TYR D 50 17.47 -23.03 13.49
CA TYR D 50 16.39 -23.04 14.46
C TYR D 50 15.59 -24.32 14.34
N ARG D 51 14.80 -24.57 15.39
CA ARG D 51 13.95 -25.75 15.46
C ARG D 51 12.61 -25.31 16.01
N VAL D 52 11.54 -25.51 15.24
CA VAL D 52 10.21 -25.19 15.73
C VAL D 52 9.75 -26.31 16.68
N GLU D 53 9.52 -25.97 17.93
CA GLU D 53 9.00 -26.94 18.90
C GLU D 53 7.48 -26.95 18.82
N GLN D 54 6.84 -25.87 19.27
CA GLN D 54 5.40 -25.72 19.22
C GLN D 54 5.02 -24.67 18.19
N MET D 55 3.99 -24.98 17.40
CA MET D 55 3.52 -24.08 16.37
C MET D 55 2.05 -24.37 16.13
N SER D 56 1.36 -23.40 15.54
CA SER D 56 -0.02 -23.60 15.12
C SER D 56 -0.34 -22.60 14.03
N ASN D 57 -0.83 -23.08 12.89
CA ASN D 57 -1.34 -22.23 11.84
C ASN D 57 -2.80 -21.86 12.07
N SER D 58 -3.40 -22.33 13.15
CA SER D 58 -4.81 -22.10 13.44
C SER D 58 -4.95 -21.13 14.60
N PHE D 59 -5.72 -20.06 14.38
CA PHE D 59 -6.03 -19.07 15.39
C PHE D 59 -7.53 -19.09 15.66
N THR D 60 -7.92 -19.03 16.92
CA THR D 60 -9.31 -19.22 17.31
C THR D 60 -9.89 -17.98 17.96
N ASN D 61 -11.15 -17.68 17.61
CA ASN D 61 -11.95 -16.71 18.34
C ASN D 61 -12.55 -17.42 19.56
N ALA D 62 -12.25 -16.91 20.76
CA ALA D 62 -12.68 -17.61 21.96
C ALA D 62 -14.20 -17.64 22.12
N GLN D 63 -14.93 -16.83 21.36
CA GLN D 63 -16.38 -16.72 21.50
C GLN D 63 -17.12 -17.52 20.44
N THR D 64 -16.83 -17.27 19.17
CA THR D 64 -17.61 -17.88 18.09
C THR D 64 -17.14 -19.27 17.74
N GLY D 65 -15.94 -19.65 18.15
CA GLY D 65 -15.33 -20.86 17.63
C GLY D 65 -14.85 -20.76 16.21
N GLU D 66 -15.01 -19.60 15.58
CA GLU D 66 -14.44 -19.39 14.25
C GLU D 66 -12.92 -19.41 14.33
N LYS D 67 -12.30 -19.91 13.27
CA LYS D 67 -10.87 -20.15 13.25
C LYS D 67 -10.28 -19.58 11.97
N LEU D 68 -9.28 -18.73 12.11
CA LEU D 68 -8.49 -18.29 10.98
C LEU D 68 -7.33 -19.24 10.77
N ASN D 69 -6.83 -19.29 9.53
CA ASN D 69 -5.69 -20.10 9.17
C ASN D 69 -4.59 -19.20 8.65
N ALA D 70 -3.43 -19.24 9.30
CA ALA D 70 -2.30 -18.41 8.94
C ALA D 70 -1.17 -19.29 8.42
N ILE D 71 -0.10 -18.63 8.03
CA ILE D 71 1.11 -19.29 7.53
C ILE D 71 2.28 -18.54 8.14
N ILE D 72 3.11 -19.24 8.89
CA ILE D 72 4.25 -18.60 9.53
C ILE D 72 5.48 -18.79 8.66
N LEU D 73 6.22 -17.71 8.43
CA LEU D 73 7.40 -17.73 7.59
C LEU D 73 8.57 -17.12 8.34
N ASP D 74 9.77 -17.63 8.04
CA ASP D 74 10.99 -17.21 8.71
C ASP D 74 11.54 -15.94 8.07
N SER D 75 12.75 -15.56 8.48
CA SER D 75 13.33 -14.29 8.05
C SER D 75 13.68 -14.26 6.57
N ASN D 76 13.73 -15.42 5.89
CA ASN D 76 13.96 -15.47 4.46
C ASN D 76 12.69 -15.71 3.67
N ASN D 77 11.53 -15.45 4.28
CA ASN D 77 10.20 -15.72 3.71
C ASN D 77 10.04 -17.19 3.30
N GLU D 78 10.57 -18.09 4.12
CA GLU D 78 10.35 -19.52 3.95
C GLU D 78 9.40 -20.05 5.01
N ILE D 79 8.47 -20.91 4.58
CA ILE D 79 7.46 -21.47 5.47
C ILE D 79 8.11 -22.38 6.50
N ILE D 80 7.79 -22.15 7.77
CA ILE D 80 8.28 -22.98 8.87
C ILE D 80 7.24 -24.04 9.18
N SER D 81 7.72 -25.23 9.51
CA SER D 81 6.90 -26.39 9.79
C SER D 81 7.08 -26.81 11.25
N LEU D 82 6.17 -27.67 11.71
CA LEU D 82 6.03 -27.94 13.14
C LEU D 82 7.28 -28.58 13.74
N GLY D 83 8.09 -29.26 12.93
CA GLY D 83 9.24 -29.93 13.52
C GLY D 83 10.42 -30.03 12.58
N GLN D 84 10.67 -28.98 11.81
CA GLN D 84 11.80 -28.98 10.90
C GLN D 84 12.85 -27.98 11.36
N GLU D 85 14.07 -28.23 10.90
CA GLU D 85 15.25 -27.40 11.12
C GLU D 85 15.60 -26.64 9.85
N LYS D 86 16.12 -25.43 10.02
CA LYS D 86 16.52 -24.56 8.91
C LYS D 86 17.82 -23.86 9.27
N ASP D 87 18.83 -24.03 8.43
CA ASP D 87 20.15 -23.44 8.65
C ASP D 87 20.23 -22.13 7.86
N MET D 88 20.15 -21.02 8.57
CA MET D 88 20.26 -19.69 7.97
C MET D 88 21.70 -19.19 7.88
N SER D 89 22.68 -20.02 8.22
CA SER D 89 24.06 -19.57 8.30
C SER D 89 24.52 -18.94 7.00
N SER D 90 24.87 -17.65 7.07
CA SER D 90 25.50 -16.95 5.97
C SER D 90 26.34 -15.84 6.58
N PHE D 91 27.16 -15.22 5.73
CA PHE D 91 27.96 -14.09 6.17
C PHE D 91 27.14 -12.81 6.27
N THR D 92 25.95 -12.79 5.68
CA THR D 92 25.10 -11.61 5.59
C THR D 92 23.86 -11.70 6.46
N LEU D 93 23.67 -12.80 7.18
CA LEU D 93 22.49 -13.02 8.01
C LEU D 93 22.29 -11.92 9.05
N VAL D 94 23.37 -11.25 9.45
CA VAL D 94 23.26 -10.23 10.49
C VAL D 94 22.37 -9.08 10.06
N ASN D 95 22.26 -8.82 8.75
CA ASN D 95 21.45 -7.67 8.39
C ASN D 95 19.96 -7.99 8.30
N LEU D 96 19.54 -9.19 8.70
CA LEU D 96 18.13 -9.47 8.95
C LEU D 96 17.66 -9.03 10.33
N PHE D 97 18.59 -8.76 11.25
CA PHE D 97 18.20 -8.21 12.54
C PHE D 97 17.67 -6.80 12.35
N SER D 98 16.43 -6.58 12.76
CA SER D 98 15.69 -5.37 12.42
C SER D 98 15.33 -4.60 13.68
N GLY D 99 15.45 -3.27 13.60
CA GLY D 99 15.08 -2.43 14.70
C GLY D 99 16.21 -2.26 15.69
N PRO D 100 16.04 -1.32 16.61
CA PRO D 100 17.04 -1.15 17.67
C PRO D 100 17.10 -2.34 18.62
N ASP D 101 16.01 -3.10 18.79
CA ASP D 101 16.05 -4.31 19.59
C ASP D 101 16.68 -5.49 18.86
N GLY D 102 17.09 -5.31 17.61
CA GLY D 102 17.73 -6.37 16.86
C GLY D 102 16.87 -7.60 16.70
N ASN D 103 15.58 -7.41 16.48
CA ASN D 103 14.66 -8.54 16.42
C ASN D 103 14.83 -9.29 15.12
N LEU D 104 15.05 -10.58 15.22
CA LEU D 104 14.98 -11.42 14.03
C LEU D 104 13.51 -11.61 13.71
N PRO D 105 13.05 -11.19 12.53
CA PRO D 105 11.61 -11.22 12.26
C PRO D 105 11.15 -12.50 11.59
N PHE D 106 9.97 -12.94 12.00
CA PHE D 106 9.16 -13.90 11.28
C PHE D 106 7.92 -13.18 10.76
N TYR D 107 7.16 -13.87 9.91
CA TYR D 107 6.05 -13.24 9.22
C TYR D 107 4.83 -14.12 9.32
N ILE D 108 3.67 -13.50 9.55
CA ILE D 108 2.38 -14.15 9.46
C ILE D 108 1.77 -13.86 8.10
N ARG D 109 1.32 -14.91 7.44
CA ARG D 109 0.60 -14.83 6.18
C ARG D 109 -0.82 -15.33 6.40
N LEU D 110 -1.80 -14.45 6.24
CA LEU D 110 -3.19 -14.85 6.21
C LEU D 110 -3.62 -15.06 4.76
N PRO D 111 -3.91 -16.28 4.33
CA PRO D 111 -4.40 -16.49 2.97
C PRO D 111 -5.69 -15.74 2.69
N ALA D 112 -5.79 -15.18 1.49
CA ALA D 112 -7.00 -14.49 1.05
C ALA D 112 -8.16 -15.47 0.95
N GLY D 113 -9.37 -14.91 0.92
CA GLY D 113 -10.57 -15.72 0.82
C GLY D 113 -11.09 -16.24 2.13
N GLN D 114 -10.66 -15.67 3.26
CA GLN D 114 -11.12 -16.08 4.58
C GLN D 114 -12.07 -15.01 5.12
N SER D 115 -13.32 -15.39 5.33
CA SER D 115 -14.37 -14.49 5.80
C SER D 115 -14.74 -14.89 7.22
N VAL D 116 -14.48 -13.99 8.18
CA VAL D 116 -14.64 -14.29 9.59
C VAL D 116 -15.12 -13.03 10.31
N SER D 117 -15.75 -13.24 11.47
CA SER D 117 -16.32 -12.14 12.22
C SER D 117 -15.24 -11.35 12.94
N PRO D 118 -15.47 -10.07 13.21
CA PRO D 118 -14.50 -9.29 14.00
C PRO D 118 -14.39 -9.85 15.41
N GLY D 119 -13.21 -9.74 15.97
CA GLY D 119 -12.91 -10.27 17.27
C GLY D 119 -11.43 -10.61 17.36
N VAL D 120 -11.06 -11.13 18.52
CA VAL D 120 -9.68 -11.55 18.75
C VAL D 120 -9.55 -13.02 18.41
N TYR D 121 -8.44 -13.39 17.79
CA TYR D 121 -8.21 -14.73 17.28
C TYR D 121 -6.84 -15.19 17.77
N GLN D 122 -6.84 -16.11 18.74
CA GLN D 122 -5.63 -16.52 19.44
C GLN D 122 -5.11 -17.81 18.84
N ALA D 123 -3.82 -17.84 18.51
CA ALA D 123 -3.21 -19.06 18.02
C ALA D 123 -3.43 -20.19 19.03
N ASP D 124 -3.61 -21.40 18.51
CA ASP D 124 -4.02 -22.50 19.36
C ASP D 124 -2.86 -23.05 20.17
N SER D 125 -1.64 -22.89 19.68
CA SER D 125 -0.42 -23.23 20.37
C SER D 125 0.57 -22.09 20.25
N PRO D 126 1.33 -21.82 21.30
CA PRO D 126 2.35 -20.76 21.23
C PRO D 126 3.49 -21.16 20.31
N LEU D 127 4.25 -20.13 19.92
CA LEU D 127 5.44 -20.32 19.10
C LEU D 127 6.64 -20.59 20.01
N LYS D 128 7.16 -21.82 19.95
CA LYS D 128 8.33 -22.22 20.70
C LYS D 128 9.41 -22.64 19.73
N VAL D 129 10.55 -21.95 19.78
CA VAL D 129 11.64 -22.22 18.86
C VAL D 129 12.91 -22.45 19.66
N LYS D 130 13.66 -23.47 19.27
CA LYS D 130 15.00 -23.71 19.79
C LYS D 130 15.98 -23.12 18.79
N TRP D 131 16.83 -22.22 19.27
CA TRP D 131 17.81 -21.52 18.46
C TRP D 131 19.21 -22.01 18.80
N PHE D 132 20.03 -22.17 17.76
CA PHE D 132 21.45 -22.48 17.89
C PHE D 132 22.18 -21.41 17.08
N TYR D 133 22.88 -20.51 17.76
CA TYR D 133 23.47 -19.35 17.08
C TYR D 133 24.89 -19.09 17.55
N SER D 134 25.67 -18.49 16.66
CA SER D 134 26.98 -17.91 16.99
C SER D 134 27.16 -16.68 16.10
N VAL D 135 26.91 -15.52 16.69
CA VAL D 135 26.84 -14.26 15.96
C VAL D 135 28.08 -13.44 16.27
N PRO D 136 28.79 -12.91 15.27
CA PRO D 136 29.94 -12.06 15.54
C PRO D 136 29.51 -10.72 16.13
N ALA D 137 30.33 -10.22 17.05
CA ALA D 137 30.08 -8.98 17.77
C ALA D 137 30.89 -7.84 17.18
N VAL D 138 30.42 -6.62 17.42
CA VAL D 138 31.19 -5.46 17.01
C VAL D 138 32.54 -5.49 17.72
N ALA D 139 33.55 -4.93 17.06
CA ALA D 139 34.90 -4.92 17.60
C ALA D 139 35.02 -4.16 18.91
N ILE D 140 34.11 -3.21 19.17
CA ILE D 140 34.27 -2.37 20.36
C ILE D 140 34.02 -3.13 21.65
N VAL D 141 33.41 -4.32 21.61
CA VAL D 141 33.17 -5.09 22.82
C VAL D 141 34.19 -6.20 22.99
N GLY D 142 35.29 -6.15 22.24
CA GLY D 142 36.33 -7.15 22.33
C GLY D 142 36.49 -7.78 20.96
N ILE D 143 37.72 -7.76 20.46
CA ILE D 143 38.00 -8.40 19.18
C ILE D 143 37.92 -9.90 19.34
N GLY D 144 37.19 -10.55 18.44
CA GLY D 144 37.03 -11.99 18.47
C GLY D 144 35.90 -12.50 19.34
N VAL D 145 34.96 -11.63 19.72
CA VAL D 145 33.86 -12.00 20.61
C VAL D 145 32.68 -12.46 19.77
N PHE D 146 31.95 -13.44 20.27
CA PHE D 146 30.79 -13.98 19.57
C PHE D 146 29.63 -14.16 20.54
N PHE D 147 28.44 -13.78 20.09
CA PHE D 147 27.22 -14.04 20.84
C PHE D 147 26.74 -15.44 20.49
N GLU D 148 26.67 -16.32 21.49
CA GLU D 148 26.48 -17.73 21.25
C GLU D 148 25.45 -18.31 22.20
N SER D 149 24.71 -19.29 21.69
CA SER D 149 23.87 -20.15 22.47
C SER D 149 24.74 -21.19 23.17
N PRO D 150 24.22 -21.84 24.22
CA PRO D 150 25.11 -22.62 25.11
C PRO D 150 25.70 -23.85 24.42
N GLY D 151 27.01 -24.01 24.59
CA GLY D 151 27.72 -25.14 24.03
C GLY D 151 28.21 -24.99 22.62
N PHE D 152 28.12 -23.79 22.04
CA PHE D 152 28.49 -23.59 20.66
C PHE D 152 30.01 -23.58 20.50
N ARG D 153 30.49 -24.24 19.45
CA ARG D 153 31.92 -24.36 19.16
C ARG D 153 32.14 -24.08 17.68
N ARG D 154 32.78 -22.96 17.37
CA ARG D 154 33.24 -22.67 16.01
C ARG D 154 34.62 -23.27 15.81
N GLY D 155 34.82 -23.92 14.67
CA GLY D 155 36.14 -24.39 14.29
C GLY D 155 36.67 -23.58 13.13
N ALA D 156 37.23 -24.26 12.12
CA ALA D 156 37.64 -23.62 10.88
C ALA D 156 36.75 -24.02 9.72
N LEU D 157 36.76 -25.30 9.36
CA LEU D 157 35.87 -25.80 8.31
C LEU D 157 35.34 -27.18 8.67
N PHE D 161 33.18 -28.08 15.72
CA PHE D 161 31.83 -27.65 15.34
C PHE D 161 30.76 -28.31 16.19
N ASN D 162 30.07 -27.52 17.01
CA ASN D 162 28.97 -28.03 17.82
C ASN D 162 27.90 -26.96 17.91
N TRP D 163 26.69 -27.27 17.45
CA TRP D 163 25.57 -26.36 17.63
C TRP D 163 25.25 -26.15 19.11
N GLY D 164 25.63 -27.09 19.97
CA GLY D 164 25.31 -27.00 21.37
C GLY D 164 23.91 -27.50 21.67
N SER D 165 23.42 -27.12 22.85
CA SER D 165 22.10 -27.55 23.32
C SER D 165 20.99 -26.61 22.92
N GLY D 166 21.30 -25.37 22.54
CA GLY D 166 20.29 -24.45 22.06
C GLY D 166 19.66 -23.59 23.14
N ALA D 167 18.82 -22.66 22.69
CA ALA D 167 18.09 -21.76 23.57
C ALA D 167 16.68 -21.57 23.04
N ASP D 168 15.71 -21.63 23.94
CA ASP D 168 14.30 -21.72 23.59
C ASP D 168 13.61 -20.39 23.79
N SER D 169 13.00 -19.88 22.73
CA SER D 169 12.11 -18.73 22.79
C SER D 169 10.66 -19.18 22.85
N LEU D 170 9.81 -18.30 23.35
CA LEU D 170 8.40 -18.60 23.57
C LEU D 170 7.62 -17.30 23.41
N GLY D 171 6.63 -17.33 22.53
CA GLY D 171 5.76 -16.17 22.39
C GLY D 171 4.37 -16.60 21.98
N SER D 172 3.41 -15.73 22.27
CA SER D 172 2.02 -15.91 21.88
C SER D 172 1.71 -15.03 20.68
N LEU D 173 1.03 -15.60 19.70
CA LEU D 173 0.64 -14.89 18.49
C LEU D 173 -0.87 -14.68 18.52
N SER D 174 -1.30 -13.47 18.16
CA SER D 174 -2.70 -13.12 18.15
C SER D 174 -3.01 -12.27 16.92
N ILE D 175 -4.23 -12.40 16.43
CA ILE D 175 -4.72 -11.68 15.26
C ILE D 175 -6.06 -11.06 15.63
N THR D 176 -6.18 -9.75 15.47
CA THR D 176 -7.40 -9.02 15.78
C THR D 176 -8.05 -8.60 14.47
N VAL D 177 -9.20 -9.18 14.18
CA VAL D 177 -10.02 -8.84 13.02
C VAL D 177 -10.92 -7.69 13.42
N LEU D 178 -10.87 -6.58 12.62
CA LEU D 178 -11.56 -5.34 12.95
C LEU D 178 -12.84 -5.22 12.16
N PRO D 179 -13.86 -4.59 12.75
CA PRO D 179 -15.05 -4.24 11.98
C PRO D 179 -14.71 -3.33 10.83
N ASP D 180 -15.47 -3.46 9.75
CA ASP D 180 -15.11 -2.84 8.48
C ASP D 180 -16.37 -2.54 7.67
N CYS D 181 -16.35 -1.42 6.94
CA CYS D 181 -17.49 -1.01 6.13
C CYS D 181 -17.00 -0.23 4.92
N ARG D 182 -17.76 -0.31 3.83
CA ARG D 182 -17.49 0.45 2.62
C ARG D 182 -18.78 1.04 2.07
N ILE D 183 -18.71 2.29 1.59
CA ILE D 183 -19.87 3.01 1.07
C ILE D 183 -19.71 3.20 -0.43
N LEU D 184 -20.83 3.04 -1.15
CA LEU D 184 -20.88 3.18 -2.61
C LEU D 184 -22.21 3.85 -2.96
N ALA D 185 -22.15 5.16 -3.24
CA ALA D 185 -23.35 5.96 -3.34
C ALA D 185 -23.71 6.36 -4.76
N GLN D 186 -22.72 6.62 -5.61
CA GLN D 186 -22.95 6.94 -7.02
C GLN D 186 -23.72 8.25 -7.19
N ASP D 187 -24.15 8.54 -8.41
CA ASP D 187 -24.80 9.81 -8.74
C ASP D 187 -26.21 9.57 -9.25
N VAL D 188 -27.06 10.59 -9.09
CA VAL D 188 -28.43 10.59 -9.59
C VAL D 188 -28.49 11.60 -10.71
N ASN D 189 -28.98 11.17 -11.87
CA ASN D 189 -29.12 12.02 -13.05
C ASN D 189 -30.59 12.08 -13.47
N PHE D 190 -30.99 13.22 -14.03
CA PHE D 190 -32.37 13.46 -14.44
C PHE D 190 -32.52 13.52 -15.96
N SER D 197 -38.12 19.54 -21.23
CA SER D 197 -37.25 18.80 -20.33
C SER D 197 -37.96 18.50 -18.99
N LYS D 198 -39.13 17.87 -19.08
CA LYS D 198 -39.89 17.52 -17.89
C LYS D 198 -39.11 16.50 -17.06
N LEU D 199 -38.68 16.91 -15.87
CA LEU D 199 -37.73 16.12 -15.07
C LEU D 199 -38.48 15.10 -14.24
N GLU D 200 -38.47 13.85 -14.69
CA GLU D 200 -39.10 12.77 -13.95
C GLU D 200 -38.29 12.44 -12.70
N PRO D 201 -38.94 11.96 -11.64
CA PRO D 201 -38.19 11.51 -10.47
C PRO D 201 -37.35 10.29 -10.82
N VAL D 202 -36.30 10.11 -10.02
CA VAL D 202 -35.30 9.07 -10.24
C VAL D 202 -35.23 8.21 -8.98
N GLN D 203 -35.44 6.91 -9.15
CA GLN D 203 -35.20 5.95 -8.07
C GLN D 203 -33.78 5.41 -8.25
N SER D 204 -32.94 5.65 -7.24
CA SER D 204 -31.58 5.09 -7.21
C SER D 204 -31.36 4.33 -5.91
N SER D 205 -30.10 4.10 -5.55
CA SER D 205 -29.80 3.33 -4.35
C SER D 205 -28.37 3.61 -3.90
N MET D 206 -28.13 3.34 -2.62
CA MET D 206 -26.80 3.33 -2.03
C MET D 206 -26.52 1.93 -1.50
N GLY D 207 -25.24 1.57 -1.49
CA GLY D 207 -24.83 0.25 -1.03
C GLY D 207 -23.75 0.32 0.04
N ILE D 208 -23.94 -0.40 1.14
CA ILE D 208 -22.98 -0.44 2.23
C ILE D 208 -22.67 -1.90 2.58
N ARG D 209 -21.42 -2.29 2.44
CA ARG D 209 -20.93 -3.63 2.75
C ARG D 209 -20.16 -3.56 4.06
N CYS D 210 -20.69 -4.24 5.09
CA CYS D 210 -20.14 -4.17 6.43
C CYS D 210 -19.91 -5.59 6.94
N SER D 211 -18.97 -5.71 7.87
CA SER D 211 -18.82 -6.95 8.61
C SER D 211 -20.05 -7.18 9.50
N VAL D 212 -20.17 -8.40 10.03
CA VAL D 212 -21.32 -8.70 10.89
C VAL D 212 -21.30 -7.80 12.11
N ASN D 213 -22.48 -7.65 12.72
CA ASN D 213 -22.75 -6.61 13.73
C ASN D 213 -22.45 -5.28 13.06
N THR D 214 -21.60 -4.43 13.63
CA THR D 214 -21.22 -3.15 13.02
C THR D 214 -22.44 -2.36 12.60
N PRO D 215 -23.24 -1.89 13.55
CA PRO D 215 -24.40 -1.08 13.20
C PRO D 215 -23.96 0.34 12.88
N TYR D 216 -24.85 1.06 12.19
CA TYR D 216 -24.58 2.44 11.84
C TYR D 216 -25.87 3.12 11.47
N TYR D 217 -25.83 4.44 11.48
CA TYR D 217 -26.88 5.29 10.96
C TYR D 217 -26.39 6.00 9.70
N VAL D 218 -27.28 6.16 8.74
CA VAL D 218 -27.01 6.87 7.49
C VAL D 218 -27.87 8.12 7.48
N SER D 219 -27.24 9.28 7.41
CA SER D 219 -27.95 10.55 7.33
C SER D 219 -27.52 11.31 6.08
N LEU D 220 -28.41 12.19 5.62
CA LEU D 220 -28.15 13.06 4.48
C LEU D 220 -28.38 14.50 4.91
N ASN D 221 -27.44 15.38 4.58
CA ASN D 221 -27.57 16.79 4.91
C ASN D 221 -28.56 17.43 3.94
N ASN D 222 -28.60 18.77 3.92
CA ASN D 222 -29.46 19.53 3.03
C ASN D 222 -28.70 20.13 1.87
N GLY D 223 -27.50 19.62 1.59
CA GLY D 223 -26.76 20.03 0.41
C GLY D 223 -26.08 21.38 0.55
N LEU D 224 -25.65 21.90 -0.61
CA LEU D 224 -24.92 23.15 -0.67
C LEU D 224 -25.81 24.37 -0.80
N SER D 225 -27.05 24.20 -1.28
CA SER D 225 -27.95 25.31 -1.54
C SER D 225 -29.27 25.14 -0.78
N PRO D 226 -29.22 25.06 0.56
CA PRO D 226 -30.47 24.90 1.30
C PRO D 226 -31.29 26.18 1.33
N GLN D 227 -32.34 26.25 0.49
CA GLN D 227 -33.29 27.34 0.59
C GLN D 227 -33.84 27.44 2.01
N ASN D 228 -34.51 26.38 2.47
CA ASN D 228 -34.84 26.15 3.87
C ASN D 228 -35.58 24.82 4.03
N ARG D 232 -33.57 21.57 0.28
CA ARG D 232 -32.56 21.22 -0.71
C ARG D 232 -32.87 21.88 -2.06
N ALA D 233 -31.82 22.22 -2.79
CA ALA D 233 -31.98 22.81 -4.11
C ALA D 233 -30.70 22.56 -4.91
N MET D 234 -30.87 22.45 -6.22
CA MET D 234 -29.76 22.31 -7.15
C MET D 234 -29.45 23.68 -7.73
N LYS D 235 -28.25 24.17 -7.47
CA LYS D 235 -27.88 25.47 -7.98
C LYS D 235 -27.50 25.35 -9.45
N SER D 236 -27.82 26.38 -10.22
CA SER D 236 -27.43 26.42 -11.62
C SER D 236 -25.93 26.56 -11.76
N GLN D 237 -25.41 26.04 -12.87
CA GLN D 237 -23.97 26.16 -13.14
C GLN D 237 -23.57 27.62 -13.30
N THR D 238 -24.41 28.42 -13.95
CA THR D 238 -24.08 29.80 -14.26
C THR D 238 -24.67 30.76 -13.24
N GLY D 239 -25.92 31.15 -13.44
CA GLY D 239 -26.55 32.15 -12.61
C GLY D 239 -26.85 31.62 -11.21
N ASN D 240 -27.55 32.47 -10.44
CA ASN D 240 -28.02 32.11 -9.11
C ASN D 240 -29.42 31.50 -9.13
N THR D 241 -29.75 30.77 -10.19
CA THR D 241 -31.02 30.05 -10.23
C THR D 241 -30.92 28.81 -9.36
N PHE D 242 -32.07 28.42 -8.79
CA PHE D 242 -32.15 27.25 -7.94
C PHE D 242 -33.31 26.38 -8.37
N LEU D 243 -33.08 25.07 -8.34
CA LEU D 243 -34.09 24.05 -8.64
C LEU D 243 -34.29 23.22 -7.36
N LYS D 244 -35.38 23.47 -6.65
CA LYS D 244 -35.62 22.80 -5.37
C LYS D 244 -35.92 21.33 -5.59
N TYR D 245 -35.48 20.49 -4.66
CA TYR D 245 -35.72 19.05 -4.74
C TYR D 245 -35.72 18.46 -3.34
N ASP D 246 -35.99 17.15 -3.28
CA ASP D 246 -35.79 16.40 -2.05
C ASP D 246 -35.49 14.95 -2.40
N ILE D 247 -35.20 14.17 -1.36
CA ILE D 247 -34.86 12.76 -1.48
C ILE D 247 -35.77 11.99 -0.55
N PHE D 248 -36.27 10.84 -1.01
CA PHE D 248 -37.26 10.08 -0.26
C PHE D 248 -36.84 8.62 -0.15
N LYS D 249 -37.03 8.04 1.04
CA LYS D 249 -36.73 6.63 1.25
C LYS D 249 -37.64 5.76 0.40
N ASN D 250 -37.05 4.76 -0.26
CA ASN D 250 -37.76 3.77 -1.10
C ASN D 250 -38.68 4.53 -2.05
N SER D 251 -39.95 4.14 -2.20
CA SER D 251 -40.91 4.86 -3.04
C SER D 251 -41.94 5.63 -2.22
N SER D 252 -41.55 6.06 -1.01
CA SER D 252 -42.49 6.60 -0.03
C SER D 252 -42.34 8.11 0.11
N ASN D 253 -42.95 8.66 1.16
CA ASN D 253 -42.92 10.09 1.46
C ASN D 253 -42.05 10.42 2.67
N ASP D 254 -41.48 9.41 3.33
CA ASP D 254 -40.60 9.66 4.46
C ASP D 254 -39.35 10.37 3.96
N ARG D 255 -39.04 11.52 4.53
CA ARG D 255 -37.86 12.27 4.10
C ARG D 255 -36.59 11.63 4.68
N TRP D 256 -35.55 11.51 3.84
CA TRP D 256 -34.23 11.02 4.24
C TRP D 256 -33.36 12.24 4.48
N GLY D 257 -33.18 12.58 5.76
CA GLY D 257 -32.34 13.69 6.18
C GLY D 257 -31.45 13.24 7.32
N SER D 258 -31.34 14.10 8.32
CA SER D 258 -30.59 13.82 9.54
C SER D 258 -31.54 13.81 10.73
N GLY D 259 -30.96 13.67 11.92
CA GLY D 259 -31.70 13.61 13.16
C GLY D 259 -32.77 12.54 13.14
N ASN D 260 -34.03 12.98 13.16
CA ASN D 260 -35.18 12.09 13.19
C ASN D 260 -35.50 11.50 11.82
N GLU D 261 -34.80 11.92 10.77
CA GLU D 261 -35.00 11.44 9.41
C GLU D 261 -33.88 10.53 8.93
N ARG D 262 -33.01 10.07 9.84
CA ARG D 262 -31.91 9.19 9.48
C ARG D 262 -32.44 7.80 9.14
N TRP D 263 -31.51 6.90 8.81
CA TRP D 263 -31.87 5.55 8.36
C TRP D 263 -30.87 4.60 8.98
N SER D 264 -31.34 3.72 9.86
CA SER D 264 -30.45 2.79 10.52
C SER D 264 -30.28 1.54 9.68
N SER D 265 -29.15 0.85 9.89
CA SER D 265 -28.90 -0.48 9.36
C SER D 265 -30.16 -1.36 9.46
N LEU D 266 -31.18 -1.00 8.69
CA LEU D 266 -32.51 -1.64 8.67
C LEU D 266 -32.86 -1.94 7.21
N ASN D 267 -32.99 -0.87 6.41
CA ASN D 267 -32.71 -0.90 4.97
C ASN D 267 -33.66 -1.72 4.11
N ALA D 268 -33.76 -1.34 2.84
CA ALA D 268 -34.38 -2.17 1.81
C ALA D 268 -33.33 -3.14 1.27
N THR D 269 -33.64 -4.43 1.30
CA THR D 269 -32.69 -5.49 0.97
C THR D 269 -31.51 -5.51 1.94
N ILE D 270 -31.56 -6.43 2.91
CA ILE D 270 -30.47 -6.65 3.86
C ILE D 270 -30.49 -8.12 4.25
N ASN D 271 -29.38 -8.82 4.02
CA ASN D 271 -29.27 -10.24 4.33
C ASN D 271 -27.83 -10.57 4.68
N PRO D 272 -27.61 -11.57 5.53
CA PRO D 272 -26.24 -11.93 5.92
C PRO D 272 -25.65 -13.03 5.04
N GLY D 273 -24.32 -13.06 5.00
CA GLY D 273 -23.59 -14.04 4.22
C GLY D 273 -22.25 -13.53 3.73
N VAL D 278 -19.68 -11.27 5.88
CA VAL D 278 -19.89 -9.98 5.24
C VAL D 278 -21.36 -9.73 4.94
N THR D 279 -21.91 -8.65 5.48
CA THR D 279 -23.29 -8.26 5.21
C THR D 279 -23.34 -6.95 4.44
N GLN D 280 -24.19 -6.91 3.42
CA GLN D 280 -24.35 -5.75 2.56
C GLN D 280 -25.74 -5.17 2.76
N GLN D 281 -25.82 -3.86 3.02
CA GLN D 281 -27.08 -3.12 3.06
C GLN D 281 -27.22 -2.28 1.80
N ASN D 282 -28.43 -2.24 1.27
CA ASN D 282 -28.77 -1.33 0.19
C ASN D 282 -29.93 -0.43 0.62
N TYR D 283 -29.94 0.80 0.09
CA TYR D 283 -30.92 1.80 0.48
C TYR D 283 -31.49 2.42 -0.80
N VAL D 284 -32.70 2.02 -1.16
CA VAL D 284 -33.40 2.57 -2.30
C VAL D 284 -33.96 3.93 -1.91
N PHE D 285 -33.91 4.88 -2.83
CA PHE D 285 -34.34 6.23 -2.55
C PHE D 285 -34.76 6.91 -3.84
N THR D 286 -35.59 7.93 -3.68
CA THR D 286 -36.19 8.64 -4.82
C THR D 286 -35.86 10.11 -4.69
N THR D 287 -35.32 10.67 -5.77
CA THR D 287 -34.97 12.08 -5.87
C THR D 287 -36.03 12.76 -6.73
N LYS D 288 -36.82 13.65 -6.13
CA LYS D 288 -37.93 14.32 -6.80
C LYS D 288 -37.68 15.82 -6.87
N ILE D 289 -38.30 16.45 -7.87
CA ILE D 289 -38.31 17.90 -8.03
C ILE D 289 -39.54 18.47 -7.35
N VAL D 290 -39.47 19.75 -6.99
CA VAL D 290 -40.58 20.51 -6.41
C VAL D 290 -40.44 21.97 -6.81
N ASP D 291 -41.57 22.66 -6.98
CA ASP D 291 -41.66 24.00 -7.56
C ASP D 291 -41.29 23.90 -9.04
N GLU D 292 -41.53 24.94 -9.83
CA GLU D 292 -41.33 24.76 -11.26
C GLU D 292 -41.06 26.07 -11.98
N ASN D 293 -40.38 25.94 -13.13
CA ASN D 293 -40.24 26.92 -14.22
C ASN D 293 -38.99 27.78 -14.07
N ALA D 294 -37.87 27.26 -14.54
CA ALA D 294 -36.60 27.98 -14.56
C ALA D 294 -36.09 28.12 -16.00
N GLY D 300 -31.69 24.59 -17.46
CA GLY D 300 -30.37 24.20 -17.92
C GLY D 300 -29.75 23.04 -17.16
N THR D 301 -28.60 23.29 -16.52
CA THR D 301 -27.86 22.29 -15.78
C THR D 301 -27.71 22.75 -14.33
N TYR D 302 -28.29 21.99 -13.41
CA TYR D 302 -28.30 22.33 -12.00
C TYR D 302 -27.65 21.21 -11.20
N GLN D 303 -26.95 21.60 -10.13
CA GLN D 303 -26.18 20.63 -9.36
C GLN D 303 -26.27 20.92 -7.88
N ASP D 304 -26.10 19.87 -7.08
CA ASP D 304 -25.94 19.97 -5.64
C ASP D 304 -25.10 18.80 -5.16
N THR D 305 -24.53 18.95 -3.98
CA THR D 305 -23.74 17.89 -3.36
C THR D 305 -24.26 17.62 -1.97
N VAL D 306 -24.78 16.42 -1.74
CA VAL D 306 -25.36 16.03 -0.47
C VAL D 306 -24.32 15.24 0.31
N THR D 307 -24.14 15.60 1.58
CA THR D 307 -23.24 14.87 2.46
C THR D 307 -23.95 13.64 3.01
N VAL D 308 -23.42 12.47 2.69
CA VAL D 308 -23.86 11.20 3.28
C VAL D 308 -23.04 10.96 4.54
N GLN D 309 -23.70 11.03 5.70
CA GLN D 309 -23.04 10.74 6.97
C GLN D 309 -23.32 9.31 7.39
N VAL D 310 -22.26 8.56 7.68
CA VAL D 310 -22.36 7.24 8.28
C VAL D 310 -21.75 7.34 9.67
N GLU D 311 -22.59 7.14 10.69
CA GLU D 311 -22.17 7.29 12.08
C GLU D 311 -22.11 5.93 12.74
N PHE D 312 -20.94 5.61 13.29
CA PHE D 312 -20.75 4.38 14.06
C PHE D 312 -20.79 4.64 15.56
#